data_3R4Q
#
_entry.id   3R4Q
#
_cell.length_a   72.530
_cell.length_b   202.522
_cell.length_c   50.907
_cell.angle_alpha   90.00
_cell.angle_beta   90.00
_cell.angle_gamma   90.00
#
_symmetry.space_group_name_H-M   'P 21 21 2'
#
loop_
_entity.id
_entity.type
_entity.pdbx_description
1 polymer 'Lactoylglutathione lyase'
2 non-polymer 'COBALT (II) ION'
3 non-polymer 'ISOPROPYL ALCOHOL'
4 water water
#
_entity_poly.entity_id   1
_entity_poly.type   'polypeptide(L)'
_entity_poly.pdbx_seq_one_letter_code
;MVMKPPSAIMETALYADDLDAAEAFYRDVFGLEMVLKLPGQLVFFKCGRQMLLLFDPQESSRADANNPIPRHGAVGQGHF
CFYADDKAEVDEWKTRFEALEIPVEHYHRWPNGSYSVYIRDPAGNSVEVGEGKLWGFEAENLYFQSHHHHHHWSHPQFEK
;
_entity_poly.pdbx_strand_id   A,B,C,D,E
#
loop_
_chem_comp.id
_chem_comp.type
_chem_comp.name
_chem_comp.formula
CO non-polymer 'COBALT (II) ION' 'Co 2'
IPA non-polymer 'ISOPROPYL ALCOHOL' 'C3 H8 O'
#
# COMPACT_ATOMS: atom_id res chain seq x y z
N LYS A 4 -10.49 -15.39 6.53
CA LYS A 4 -9.13 -15.46 5.91
C LYS A 4 -8.96 -14.53 4.70
N PRO A 5 -8.25 -13.40 4.87
CA PRO A 5 -8.05 -12.49 3.73
C PRO A 5 -6.98 -13.00 2.76
N PRO A 6 -6.91 -12.44 1.55
CA PRO A 6 -5.90 -12.92 0.60
C PRO A 6 -4.50 -12.88 1.20
N SER A 7 -3.70 -13.89 0.88
CA SER A 7 -2.35 -13.99 1.43
C SER A 7 -1.29 -13.16 0.70
N ALA A 8 -1.56 -12.81 -0.54
CA ALA A 8 -0.61 -12.03 -1.33
C ALA A 8 -1.24 -11.47 -2.58
N ILE A 9 -0.49 -10.58 -3.23
CA ILE A 9 -0.92 -10.00 -4.48
C ILE A 9 -0.06 -10.70 -5.52
N MET A 10 -0.71 -11.43 -6.42
CA MET A 10 -0.03 -12.19 -7.45
C MET A 10 0.28 -11.38 -8.71
N GLU A 11 -0.63 -10.48 -9.11
CA GLU A 11 -0.39 -9.69 -10.31
C GLU A 11 -0.51 -8.18 -10.13
N THR A 12 0.40 -7.44 -10.76
CA THR A 12 0.41 -5.99 -10.73
C THR A 12 0.40 -5.51 -12.19
N ALA A 13 -0.58 -4.71 -12.57
CA ALA A 13 -0.69 -4.23 -13.96
C ALA A 13 -0.23 -2.81 -14.22
N LEU A 14 0.51 -2.63 -15.30
CA LEU A 14 1.00 -1.31 -15.72
C LEU A 14 0.72 -1.19 -17.21
N TYR A 15 0.55 0.03 -17.68
CA TYR A 15 0.27 0.24 -19.09
C TYR A 15 1.38 1.04 -19.77
N ALA A 16 1.72 0.61 -20.97
CA ALA A 16 2.78 1.25 -21.75
C ALA A 16 2.47 1.25 -23.25
N ASP A 17 2.37 2.43 -23.83
CA ASP A 17 2.09 2.51 -25.25
C ASP A 17 3.24 1.96 -26.09
N ASP A 18 4.47 2.04 -25.59
CA ASP A 18 5.62 1.47 -26.30
C ASP A 18 6.05 0.25 -25.52
N LEU A 19 5.50 -0.90 -25.90
CA LEU A 19 5.80 -2.14 -25.22
C LEU A 19 7.23 -2.65 -25.37
N ASP A 20 7.90 -2.31 -26.48
CA ASP A 20 9.26 -2.79 -26.67
C ASP A 20 10.20 -2.05 -25.75
N ALA A 21 9.97 -0.75 -25.61
CA ALA A 21 10.81 0.09 -24.76
C ALA A 21 10.62 -0.26 -23.32
N ALA A 22 9.44 -0.77 -22.99
CA ALA A 22 9.12 -1.16 -21.63
C ALA A 22 9.65 -2.57 -21.36
N GLU A 23 9.58 -3.41 -22.40
CA GLU A 23 10.04 -4.78 -22.30
C GLU A 23 11.56 -4.81 -22.09
N ALA A 24 12.26 -3.89 -22.72
CA ALA A 24 13.72 -3.81 -22.60
C ALA A 24 14.15 -3.22 -21.27
N PHE A 25 13.40 -2.22 -20.82
CA PHE A 25 13.66 -1.53 -19.56
C PHE A 25 13.66 -2.50 -18.40
N TYR A 26 12.60 -3.30 -18.28
CA TYR A 26 12.50 -4.24 -17.18
C TYR A 26 13.37 -5.47 -17.34
N ARG A 27 13.55 -5.89 -18.57
CA ARG A 27 14.36 -7.06 -18.86
C ARG A 27 15.82 -6.76 -18.50
N ASP A 28 16.30 -5.59 -18.89
CA ASP A 28 17.70 -5.24 -18.63
C ASP A 28 17.99 -4.58 -17.27
N VAL A 29 17.35 -3.46 -16.99
CA VAL A 29 17.56 -2.75 -15.74
C VAL A 29 17.33 -3.63 -14.51
N PHE A 30 16.26 -4.41 -14.54
CA PHE A 30 15.94 -5.27 -13.41
C PHE A 30 16.16 -6.75 -13.58
N GLY A 31 16.51 -7.18 -14.80
CA GLY A 31 16.76 -8.59 -15.02
C GLY A 31 15.58 -9.51 -14.74
N LEU A 32 14.38 -8.99 -14.95
CA LEU A 32 13.15 -9.77 -14.73
C LEU A 32 12.98 -10.87 -15.78
N GLU A 33 12.53 -12.05 -15.34
CA GLU A 33 12.28 -13.17 -16.22
C GLU A 33 10.99 -12.86 -16.99
N MET A 34 10.98 -13.09 -18.29
CA MET A 34 9.79 -12.85 -19.09
C MET A 34 9.10 -14.19 -19.27
N VAL A 35 7.81 -14.22 -18.99
CA VAL A 35 7.03 -15.44 -19.08
C VAL A 35 6.12 -15.50 -20.30
N LEU A 36 5.39 -14.42 -20.53
CA LEU A 36 4.50 -14.39 -21.67
C LEU A 36 4.71 -13.10 -22.45
N LYS A 37 4.57 -13.20 -23.76
CA LYS A 37 4.78 -12.07 -24.66
C LYS A 37 4.00 -12.25 -25.95
N LEU A 38 3.06 -11.34 -26.19
CA LEU A 38 2.25 -11.32 -27.41
C LEU A 38 2.48 -9.96 -28.04
N PRO A 39 3.24 -9.90 -29.15
CA PRO A 39 3.54 -8.65 -29.84
C PRO A 39 2.44 -7.62 -29.94
N GLY A 40 2.80 -6.39 -29.57
CA GLY A 40 1.88 -5.27 -29.61
C GLY A 40 0.73 -5.35 -28.64
N GLN A 41 0.65 -6.42 -27.87
CA GLN A 41 -0.42 -6.58 -26.91
C GLN A 41 0.06 -6.52 -25.47
N LEU A 42 0.97 -7.43 -25.13
CA LEU A 42 1.50 -7.46 -23.76
C LEU A 42 2.82 -8.19 -23.53
N VAL A 43 3.40 -7.93 -22.37
CA VAL A 43 4.65 -8.52 -21.93
C VAL A 43 4.53 -8.78 -20.43
N PHE A 44 4.58 -10.04 -20.03
CA PHE A 44 4.44 -10.41 -18.63
C PHE A 44 5.74 -10.96 -18.04
N PHE A 45 6.18 -10.35 -16.95
CA PHE A 45 7.40 -10.74 -16.26
C PHE A 45 7.05 -11.38 -14.91
N LYS A 46 7.96 -12.20 -14.42
CA LYS A 46 7.78 -12.83 -13.11
C LYS A 46 8.79 -12.12 -12.22
N CYS A 47 8.45 -11.96 -10.94
CA CYS A 47 9.32 -11.35 -9.96
C CYS A 47 9.04 -12.06 -8.64
N GLY A 48 9.90 -13.03 -8.31
CA GLY A 48 9.72 -13.81 -7.10
C GLY A 48 8.47 -14.63 -7.29
N ARG A 49 7.47 -14.36 -6.46
CA ARG A 49 6.21 -15.07 -6.58
C ARG A 49 5.10 -14.13 -7.04
N GLN A 50 5.49 -13.07 -7.75
CA GLN A 50 4.54 -12.10 -8.29
C GLN A 50 4.74 -11.95 -9.79
N MET A 51 3.76 -11.35 -10.46
CA MET A 51 3.84 -11.12 -11.90
C MET A 51 3.70 -9.64 -12.22
N LEU A 52 4.60 -9.09 -13.03
CA LEU A 52 4.49 -7.68 -13.43
C LEU A 52 3.91 -7.76 -14.85
N LEU A 53 2.68 -7.29 -14.99
CA LEU A 53 1.97 -7.32 -16.28
C LEU A 53 2.01 -5.98 -16.98
N LEU A 54 2.57 -5.94 -18.18
CA LEU A 54 2.61 -4.71 -18.93
C LEU A 54 1.68 -4.82 -20.12
N PHE A 55 0.71 -3.91 -20.22
CA PHE A 55 -0.24 -3.92 -21.31
C PHE A 55 -0.18 -2.63 -22.08
N ASP A 56 -0.48 -2.76 -23.37
CA ASP A 56 -0.59 -1.61 -24.24
C ASP A 56 -2.04 -1.26 -23.87
N PRO A 57 -2.26 -0.11 -23.23
CA PRO A 57 -3.62 0.27 -22.86
C PRO A 57 -4.70 0.17 -23.95
N GLN A 58 -4.30 0.36 -25.20
CA GLN A 58 -5.23 0.30 -26.33
C GLN A 58 -5.76 -1.09 -26.65
N GLU A 59 -4.98 -2.12 -26.34
CA GLU A 59 -5.41 -3.46 -26.65
C GLU A 59 -6.10 -4.15 -25.49
N SER A 60 -5.67 -3.88 -24.27
CA SER A 60 -6.26 -4.49 -23.08
C SER A 60 -7.65 -3.92 -22.92
N SER A 61 -7.86 -2.82 -23.62
CA SER A 61 -9.09 -2.07 -23.64
C SER A 61 -10.04 -2.61 -24.71
N ARG A 62 -9.49 -3.27 -25.71
CA ARG A 62 -10.28 -3.77 -26.83
C ARG A 62 -11.17 -4.99 -26.54
N ALA A 63 -12.42 -4.88 -26.97
CA ALA A 63 -13.45 -5.91 -26.78
C ALA A 63 -13.61 -6.99 -27.87
N ASP A 64 -12.95 -8.12 -27.69
CA ASP A 64 -13.02 -9.25 -28.64
C ASP A 64 -14.21 -10.11 -28.17
N ALA A 65 -15.12 -10.44 -29.09
CA ALA A 65 -16.31 -11.21 -28.73
C ALA A 65 -16.08 -12.58 -28.14
N ASN A 66 -14.97 -13.22 -28.50
CA ASN A 66 -14.70 -14.55 -27.94
C ASN A 66 -13.72 -14.53 -26.77
N ASN A 67 -13.18 -13.35 -26.44
CA ASN A 67 -12.26 -13.23 -25.31
C ASN A 67 -13.13 -12.76 -24.13
N PRO A 68 -13.46 -13.67 -23.21
CA PRO A 68 -14.29 -13.32 -22.06
C PRO A 68 -13.53 -12.61 -20.96
N ILE A 69 -12.22 -12.52 -21.09
CA ILE A 69 -11.41 -11.86 -20.08
C ILE A 69 -11.80 -10.39 -19.97
N PRO A 70 -12.17 -9.94 -18.75
CA PRO A 70 -12.56 -8.54 -18.53
C PRO A 70 -11.52 -7.59 -19.09
N ARG A 71 -11.99 -6.47 -19.61
CA ARG A 71 -11.12 -5.47 -20.20
C ARG A 71 -10.75 -4.36 -19.23
N HIS A 72 -9.61 -3.73 -19.48
CA HIS A 72 -9.16 -2.65 -18.61
C HIS A 72 -8.16 -1.81 -19.39
N GLY A 73 -7.67 -0.77 -18.75
CA GLY A 73 -6.72 0.13 -19.38
C GLY A 73 -6.77 1.53 -18.80
N ALA A 74 -5.63 2.03 -18.32
CA ALA A 74 -5.57 3.35 -17.74
C ALA A 74 -4.62 4.26 -18.49
N VAL A 75 -4.92 5.56 -18.39
CA VAL A 75 -4.15 6.61 -19.02
C VAL A 75 -3.49 7.42 -17.93
N GLY A 76 -2.20 7.71 -18.12
CA GLY A 76 -1.46 8.47 -17.14
C GLY A 76 -0.30 7.70 -16.57
N GLN A 77 0.34 8.28 -15.57
CA GLN A 77 1.48 7.67 -14.93
C GLN A 77 1.08 6.79 -13.76
N GLY A 78 1.51 5.53 -13.84
CA GLY A 78 1.23 4.55 -12.81
C GLY A 78 2.31 4.54 -11.75
N HIS A 79 2.21 3.62 -10.81
CA HIS A 79 3.19 3.49 -9.74
C HIS A 79 3.19 2.07 -9.19
N PHE A 80 4.36 1.63 -8.75
CA PHE A 80 4.54 0.31 -8.14
C PHE A 80 5.94 0.31 -7.52
N CYS A 81 6.15 -0.55 -6.55
CA CYS A 81 7.43 -0.60 -5.87
C CYS A 81 7.97 -2.01 -5.76
N PHE A 82 9.26 -2.16 -6.04
CA PHE A 82 9.95 -3.43 -5.91
C PHE A 82 10.39 -3.50 -4.47
N TYR A 83 10.49 -4.70 -3.91
CA TYR A 83 10.95 -4.87 -2.55
C TYR A 83 12.48 -4.94 -2.48
N ALA A 84 13.03 -4.35 -1.42
CA ALA A 84 14.46 -4.37 -1.18
C ALA A 84 14.61 -4.97 0.23
N ASP A 85 15.74 -5.61 0.49
CA ASP A 85 15.96 -6.23 1.79
C ASP A 85 16.56 -5.28 2.84
N ASP A 86 17.20 -4.20 2.39
CA ASP A 86 17.81 -3.22 3.30
C ASP A 86 18.32 -2.02 2.52
N LYS A 87 18.84 -1.05 3.26
CA LYS A 87 19.37 0.15 2.65
C LYS A 87 20.42 -0.22 1.62
N ALA A 88 21.22 -1.24 1.92
CA ALA A 88 22.28 -1.67 1.00
C ALA A 88 21.73 -2.12 -0.36
N GLU A 89 20.65 -2.90 -0.36
CA GLU A 89 20.07 -3.35 -1.62
C GLU A 89 19.57 -2.12 -2.34
N VAL A 90 18.94 -1.21 -1.60
CA VAL A 90 18.43 0.03 -2.16
C VAL A 90 19.59 0.81 -2.79
N ASP A 91 20.71 0.90 -2.06
CA ASP A 91 21.92 1.60 -2.52
C ASP A 91 22.46 0.93 -3.78
N GLU A 92 22.52 -0.40 -3.79
CA GLU A 92 23.02 -1.12 -4.95
C GLU A 92 22.19 -0.79 -6.18
N TRP A 93 20.87 -0.71 -6.02
CA TRP A 93 19.99 -0.38 -7.14
C TRP A 93 20.22 1.05 -7.60
N LYS A 94 20.33 1.97 -6.64
CA LYS A 94 20.58 3.37 -6.97
C LYS A 94 21.85 3.47 -7.81
N THR A 95 22.90 2.76 -7.42
CA THR A 95 24.16 2.78 -8.17
C THR A 95 23.98 2.20 -9.57
N ARG A 96 23.26 1.10 -9.66
CA ARG A 96 23.04 0.46 -10.96
C ARG A 96 22.28 1.39 -11.90
N PHE A 97 21.50 2.33 -11.34
CA PHE A 97 20.74 3.27 -12.16
C PHE A 97 21.69 4.34 -12.70
N GLU A 98 22.60 4.79 -11.84
CA GLU A 98 23.59 5.80 -12.22
C GLU A 98 24.44 5.21 -13.35
N ALA A 99 24.88 3.97 -13.16
CA ALA A 99 25.68 3.27 -14.15
C ALA A 99 24.96 3.11 -15.49
N LEU A 100 23.65 3.26 -15.50
CA LEU A 100 22.89 3.10 -16.75
C LEU A 100 22.39 4.43 -17.34
N GLU A 101 22.74 5.53 -16.70
CA GLU A 101 22.34 6.88 -17.14
C GLU A 101 20.87 7.13 -16.83
N ILE A 102 20.30 6.27 -16.01
CA ILE A 102 18.90 6.44 -15.64
C ILE A 102 18.81 7.45 -14.50
N PRO A 103 18.15 8.59 -14.74
CA PRO A 103 18.02 9.62 -13.71
C PRO A 103 17.38 9.10 -12.43
N VAL A 104 17.93 9.51 -11.29
CA VAL A 104 17.37 9.11 -10.01
C VAL A 104 16.50 10.28 -9.58
N GLU A 105 15.22 10.19 -9.91
CA GLU A 105 14.26 11.24 -9.60
C GLU A 105 14.24 11.55 -8.10
N HIS A 106 14.38 10.54 -7.26
CA HIS A 106 14.34 10.75 -5.83
C HIS A 106 14.92 9.62 -5.00
N TYR A 107 15.47 10.00 -3.85
CA TYR A 107 16.07 9.10 -2.89
C TYR A 107 15.47 9.61 -1.59
N HIS A 108 14.70 8.78 -0.90
CA HIS A 108 14.00 9.21 0.32
C HIS A 108 14.25 8.40 1.59
N ARG A 109 14.47 9.11 2.69
CA ARG A 109 14.66 8.48 3.99
C ARG A 109 13.39 8.74 4.81
N TRP A 110 12.70 7.67 5.15
CA TRP A 110 11.45 7.79 5.90
C TRP A 110 11.61 8.00 7.41
N PRO A 111 10.55 8.45 8.09
CA PRO A 111 10.62 8.68 9.53
C PRO A 111 11.21 7.54 10.36
N ASN A 112 10.96 6.29 9.99
CA ASN A 112 11.49 5.17 10.74
C ASN A 112 12.92 4.83 10.32
N GLY A 113 13.45 5.63 9.41
CA GLY A 113 14.81 5.47 8.94
C GLY A 113 15.04 4.59 7.73
N SER A 114 13.98 4.18 7.06
CA SER A 114 14.10 3.32 5.89
C SER A 114 14.25 4.15 4.61
N TYR A 115 14.77 3.54 3.55
CA TYR A 115 14.98 4.25 2.29
C TYR A 115 14.26 3.74 1.05
N SER A 116 14.18 4.61 0.07
CA SER A 116 13.55 4.33 -1.21
C SER A 116 14.25 5.12 -2.30
N VAL A 117 14.23 4.59 -3.52
CA VAL A 117 14.80 5.23 -4.70
C VAL A 117 13.69 5.29 -5.74
N TYR A 118 13.67 6.35 -6.53
CA TYR A 118 12.63 6.53 -7.54
C TYR A 118 13.17 6.84 -8.94
N ILE A 119 12.54 6.23 -9.95
CA ILE A 119 12.90 6.44 -11.35
C ILE A 119 11.63 6.32 -12.18
N ARG A 120 11.77 6.48 -13.49
CA ARG A 120 10.65 6.39 -14.41
C ARG A 120 10.96 5.33 -15.46
N ASP A 121 9.95 4.58 -15.90
CA ASP A 121 10.18 3.61 -16.95
C ASP A 121 9.91 4.41 -18.22
N PRO A 122 10.18 3.85 -19.40
CA PRO A 122 9.93 4.61 -20.64
C PRO A 122 8.55 5.26 -20.81
N ALA A 123 7.53 4.72 -20.15
CA ALA A 123 6.18 5.27 -20.25
C ALA A 123 5.92 6.40 -19.27
N GLY A 124 6.79 6.56 -18.28
CA GLY A 124 6.59 7.61 -17.32
C GLY A 124 6.02 7.11 -16.01
N ASN A 125 5.92 5.80 -15.86
CA ASN A 125 5.40 5.23 -14.63
C ASN A 125 6.44 5.45 -13.56
N SER A 126 5.99 5.70 -12.35
CA SER A 126 6.87 5.91 -11.22
C SER A 126 7.28 4.55 -10.68
N VAL A 127 8.54 4.19 -10.87
CA VAL A 127 9.06 2.91 -10.41
C VAL A 127 9.97 3.14 -9.21
N GLU A 128 9.61 2.47 -8.11
CA GLU A 128 10.30 2.61 -6.85
C GLU A 128 10.93 1.32 -6.35
N VAL A 129 11.95 1.45 -5.52
CA VAL A 129 12.63 0.31 -4.90
C VAL A 129 12.76 0.69 -3.43
N GLY A 130 12.08 -0.05 -2.56
CA GLY A 130 12.15 0.26 -1.16
C GLY A 130 12.35 -0.95 -0.29
N GLU A 131 13.07 -0.78 0.82
CA GLU A 131 13.30 -1.89 1.74
C GLU A 131 12.01 -2.20 2.50
N GLY A 132 11.86 -3.46 2.90
CA GLY A 132 10.67 -3.89 3.60
C GLY A 132 10.37 -3.13 4.87
N LYS A 133 11.41 -2.51 5.42
CA LYS A 133 11.27 -1.73 6.64
C LYS A 133 10.24 -0.61 6.49
N LEU A 134 10.03 -0.15 5.26
CA LEU A 134 9.05 0.91 5.04
C LEU A 134 7.69 0.54 5.63
N TRP A 135 7.37 -0.75 5.64
CA TRP A 135 6.10 -1.21 6.16
C TRP A 135 6.23 -2.28 7.23
N GLY A 136 7.41 -2.40 7.81
CA GLY A 136 7.63 -3.39 8.84
C GLY A 136 7.82 -4.82 8.38
N PHE A 137 8.21 -5.02 7.11
CA PHE A 137 8.45 -6.37 6.61
C PHE A 137 9.89 -6.79 6.95
N GLU A 138 10.00 -7.68 7.93
CA GLU A 138 11.29 -8.18 8.37
C GLU A 138 12.04 -8.73 7.14
N ALA A 139 13.37 -8.61 7.16
CA ALA A 139 14.25 -9.09 6.09
C ALA A 139 13.93 -10.54 5.71
N GLU A 140 14.24 -10.88 4.46
CA GLU A 140 14.01 -12.24 3.97
C GLU A 140 14.73 -13.27 4.85
N ASN A 141 14.00 -13.74 5.86
CA ASN A 141 14.40 -14.68 6.91
C ASN A 141 13.77 -14.16 8.24
N PRO B 5 18.08 -9.84 -9.61
CA PRO B 5 16.79 -9.15 -9.85
C PRO B 5 16.05 -8.94 -8.52
N PRO B 6 15.02 -8.07 -8.51
CA PRO B 6 14.30 -7.86 -7.25
C PRO B 6 13.61 -9.17 -6.88
N SER B 7 13.63 -9.51 -5.59
CA SER B 7 13.04 -10.75 -5.14
C SER B 7 11.52 -10.73 -5.05
N ALA B 8 10.93 -9.55 -5.16
CA ALA B 8 9.47 -9.40 -5.07
C ALA B 8 9.00 -7.99 -5.36
N ILE B 9 7.68 -7.85 -5.41
CA ILE B 9 7.03 -6.57 -5.64
C ILE B 9 6.35 -6.26 -4.31
N MET B 10 6.66 -5.09 -3.76
CA MET B 10 6.10 -4.68 -2.48
C MET B 10 4.84 -3.82 -2.59
N GLU B 11 4.81 -2.88 -3.52
CA GLU B 11 3.65 -1.99 -3.65
C GLU B 11 2.93 -2.07 -5.00
N THR B 12 1.61 -2.08 -4.95
CA THR B 12 0.77 -2.13 -6.13
C THR B 12 -0.16 -0.94 -5.96
N ALA B 13 -0.25 -0.09 -6.97
CA ALA B 13 -1.09 1.09 -6.86
C ALA B 13 -2.35 1.08 -7.72
N LEU B 14 -3.48 1.45 -7.12
CA LEU B 14 -4.74 1.57 -7.83
C LEU B 14 -5.25 2.98 -7.63
N TYR B 15 -6.14 3.43 -8.50
CA TYR B 15 -6.70 4.77 -8.42
C TYR B 15 -8.20 4.72 -8.28
N ALA B 16 -8.74 5.68 -7.52
CA ALA B 16 -10.17 5.76 -7.28
C ALA B 16 -10.57 7.18 -6.90
N ASP B 17 -11.69 7.66 -7.44
CA ASP B 17 -12.19 9.00 -7.14
C ASP B 17 -12.79 9.05 -5.75
N ASP B 18 -13.61 8.06 -5.43
CA ASP B 18 -14.26 7.98 -4.12
C ASP B 18 -13.41 7.04 -3.29
N LEU B 19 -12.61 7.60 -2.40
CA LEU B 19 -11.74 6.79 -1.55
C LEU B 19 -12.47 6.07 -0.44
N ASP B 20 -13.51 6.66 0.11
CA ASP B 20 -14.26 6.00 1.19
C ASP B 20 -14.98 4.76 0.64
N ALA B 21 -15.50 4.85 -0.57
CA ALA B 21 -16.19 3.70 -1.14
C ALA B 21 -15.16 2.62 -1.48
N ALA B 22 -13.95 3.05 -1.83
CA ALA B 22 -12.86 2.15 -2.18
C ALA B 22 -12.30 1.45 -0.93
N GLU B 23 -12.23 2.19 0.17
CA GLU B 23 -11.73 1.69 1.45
C GLU B 23 -12.66 0.64 2.01
N ALA B 24 -13.96 0.96 1.99
CA ALA B 24 -14.99 0.08 2.50
C ALA B 24 -14.89 -1.27 1.80
N PHE B 25 -14.82 -1.20 0.48
CA PHE B 25 -14.70 -2.37 -0.38
C PHE B 25 -13.56 -3.31 -0.01
N TYR B 26 -12.32 -2.81 -0.05
CA TYR B 26 -11.17 -3.63 0.26
C TYR B 26 -11.08 -4.06 1.71
N ARG B 27 -11.70 -3.28 2.59
CA ARG B 27 -11.69 -3.63 3.99
C ARG B 27 -12.74 -4.72 4.30
N ASP B 28 -13.98 -4.49 3.88
CA ASP B 28 -15.08 -5.41 4.17
C ASP B 28 -15.19 -6.63 3.28
N VAL B 29 -14.93 -6.48 1.98
CA VAL B 29 -15.01 -7.62 1.06
C VAL B 29 -13.80 -8.55 1.21
N PHE B 30 -12.59 -7.99 1.26
CA PHE B 30 -11.38 -8.80 1.35
C PHE B 30 -10.71 -8.90 2.73
N GLY B 31 -11.13 -8.05 3.67
CA GLY B 31 -10.56 -8.08 5.00
C GLY B 31 -9.09 -7.69 5.06
N LEU B 32 -8.69 -6.72 4.27
CA LEU B 32 -7.30 -6.29 4.28
C LEU B 32 -7.08 -5.30 5.43
N GLU B 33 -5.90 -5.39 6.02
CA GLU B 33 -5.53 -4.52 7.13
C GLU B 33 -5.05 -3.15 6.64
N MET B 34 -5.66 -2.09 7.18
CA MET B 34 -5.29 -0.72 6.83
C MET B 34 -4.00 -0.33 7.57
N VAL B 35 -3.04 0.20 6.84
CA VAL B 35 -1.77 0.58 7.45
C VAL B 35 -1.60 2.10 7.52
N LEU B 36 -2.07 2.78 6.49
CA LEU B 36 -1.94 4.21 6.44
C LEU B 36 -3.15 4.84 5.76
N LYS B 37 -3.55 6.00 6.25
CA LYS B 37 -4.69 6.72 5.70
C LYS B 37 -4.59 8.24 5.84
N LEU B 38 -4.68 8.94 4.71
CA LEU B 38 -4.69 10.40 4.72
C LEU B 38 -6.03 10.77 4.06
N PRO B 39 -6.98 11.30 4.85
CA PRO B 39 -8.32 11.67 4.36
C PRO B 39 -8.37 12.43 3.02
N GLY B 40 -9.15 11.88 2.09
CA GLY B 40 -9.31 12.48 0.78
C GLY B 40 -8.07 12.41 -0.10
N GLN B 41 -7.05 11.72 0.38
CA GLN B 41 -5.81 11.59 -0.38
C GLN B 41 -5.46 10.16 -0.71
N LEU B 42 -5.42 9.31 0.30
CA LEU B 42 -5.06 7.91 0.10
C LEU B 42 -5.34 6.96 1.26
N VAL B 43 -5.37 5.67 0.92
CA VAL B 43 -5.60 4.61 1.88
C VAL B 43 -4.73 3.41 1.45
N PHE B 44 -3.89 2.95 2.37
CA PHE B 44 -3.01 1.83 2.09
C PHE B 44 -3.32 0.59 2.95
N PHE B 45 -3.44 -0.54 2.28
CA PHE B 45 -3.73 -1.81 2.92
C PHE B 45 -2.51 -2.72 2.82
N LYS B 46 -2.41 -3.66 3.76
CA LYS B 46 -1.35 -4.63 3.75
C LYS B 46 -1.99 -5.96 3.33
N CYS B 47 -1.30 -6.70 2.46
CA CYS B 47 -1.78 -7.99 2.01
C CYS B 47 -0.56 -8.89 2.03
N GLY B 48 -0.46 -9.71 3.08
CA GLY B 48 0.67 -10.59 3.24
C GLY B 48 1.88 -9.70 3.38
N ARG B 49 2.83 -9.83 2.46
CA ARG B 49 4.01 -8.99 2.50
C ARG B 49 3.96 -7.91 1.41
N GLN B 50 2.76 -7.62 0.94
CA GLN B 50 2.59 -6.60 -0.08
C GLN B 50 1.72 -5.48 0.45
N MET B 51 1.63 -4.41 -0.35
CA MET B 51 0.84 -3.24 -0.01
C MET B 51 -0.01 -2.86 -1.21
N LEU B 52 -1.30 -2.62 -0.99
CA LEU B 52 -2.19 -2.18 -2.04
C LEU B 52 -2.39 -0.71 -1.73
N LEU B 53 -1.91 0.13 -2.63
CA LEU B 53 -1.98 1.58 -2.47
C LEU B 53 -3.10 2.22 -3.28
N LEU B 54 -4.04 2.86 -2.60
CA LEU B 54 -5.16 3.52 -3.25
C LEU B 54 -5.00 5.03 -3.26
N PHE B 55 -4.90 5.60 -4.45
CA PHE B 55 -4.76 7.04 -4.58
C PHE B 55 -5.90 7.70 -5.35
N ASP B 56 -6.13 8.96 -5.03
CA ASP B 56 -7.09 9.75 -5.75
C ASP B 56 -6.11 10.26 -6.81
N PRO B 57 -6.26 9.82 -8.08
CA PRO B 57 -5.33 10.27 -9.13
C PRO B 57 -5.06 11.78 -9.20
N GLN B 58 -6.05 12.58 -8.84
CA GLN B 58 -5.92 14.03 -8.86
C GLN B 58 -4.95 14.50 -7.78
N GLU B 59 -5.03 13.87 -6.61
CA GLU B 59 -4.18 14.21 -5.48
C GLU B 59 -2.74 13.70 -5.64
N SER B 60 -2.54 12.66 -6.45
CA SER B 60 -1.19 12.13 -6.65
C SER B 60 -0.47 12.91 -7.73
N SER B 61 -1.26 13.52 -8.61
CA SER B 61 -0.72 14.25 -9.76
C SER B 61 -0.34 15.69 -9.50
N ARG B 62 -1.18 16.36 -8.73
CA ARG B 62 -1.05 17.76 -8.39
C ARG B 62 0.37 18.19 -8.09
N ALA B 63 0.66 19.40 -8.54
CA ALA B 63 1.98 19.94 -8.33
C ALA B 63 2.20 20.09 -6.81
N ASP B 64 3.30 19.48 -6.39
CA ASP B 64 3.82 19.42 -5.01
C ASP B 64 3.03 20.09 -3.88
N ALA B 65 3.73 20.86 -3.08
CA ALA B 65 3.30 21.66 -1.91
C ALA B 65 4.71 21.70 -1.41
N ASN B 66 5.31 20.54 -1.51
CA ASN B 66 6.69 20.26 -1.19
C ASN B 66 6.60 18.83 -0.67
N ASN B 67 6.10 18.03 -1.56
CA ASN B 67 5.93 16.63 -1.40
C ASN B 67 7.01 16.13 -2.33
N PRO B 68 8.18 15.77 -1.77
CA PRO B 68 9.30 15.29 -2.55
C PRO B 68 9.00 14.03 -3.33
N ILE B 69 7.96 13.30 -2.92
CA ILE B 69 7.61 12.04 -3.59
C ILE B 69 7.09 12.23 -5.04
N PRO B 70 7.68 11.50 -6.01
CA PRO B 70 7.25 11.60 -7.42
C PRO B 70 5.73 11.54 -7.61
N ARG B 71 5.24 12.31 -8.56
CA ARG B 71 3.83 12.37 -8.88
C ARG B 71 3.43 11.29 -9.87
N HIS B 72 2.18 10.85 -9.76
CA HIS B 72 1.65 9.84 -10.64
C HIS B 72 0.14 9.94 -10.57
N GLY B 73 -0.56 9.13 -11.35
CA GLY B 73 -2.00 9.18 -11.33
C GLY B 73 -2.53 8.73 -12.68
N ALA B 74 -3.35 7.69 -12.67
CA ALA B 74 -3.87 7.20 -13.92
C ALA B 74 -5.40 7.18 -13.90
N VAL B 75 -6.00 7.58 -15.02
CA VAL B 75 -7.45 7.58 -15.13
C VAL B 75 -7.85 6.41 -16.01
N GLY B 76 -8.83 5.65 -15.56
CA GLY B 76 -9.27 4.50 -16.31
C GLY B 76 -9.38 3.30 -15.39
N GLN B 77 -9.61 2.13 -15.95
CA GLN B 77 -9.74 0.93 -15.16
C GLN B 77 -8.40 0.22 -15.09
N GLY B 78 -7.96 -0.05 -13.86
CA GLY B 78 -6.70 -0.74 -13.68
C GLY B 78 -6.97 -2.21 -13.44
N HIS B 79 -5.95 -2.94 -13.01
CA HIS B 79 -6.11 -4.36 -12.74
C HIS B 79 -4.98 -4.85 -11.86
N PHE B 80 -5.28 -5.87 -11.07
CA PHE B 80 -4.33 -6.51 -10.18
C PHE B 80 -5.01 -7.81 -9.76
N CYS B 81 -4.23 -8.74 -9.22
CA CYS B 81 -4.77 -10.03 -8.85
C CYS B 81 -4.28 -10.53 -7.50
N PHE B 82 -5.21 -11.05 -6.72
CA PHE B 82 -4.92 -11.59 -5.40
C PHE B 82 -4.45 -13.02 -5.60
N TYR B 83 -3.66 -13.53 -4.69
CA TYR B 83 -3.17 -14.91 -4.78
C TYR B 83 -4.10 -15.82 -4.00
N ALA B 84 -4.32 -17.03 -4.54
CA ALA B 84 -5.15 -18.01 -3.88
C ALA B 84 -4.42 -19.35 -3.97
N ASP B 85 -4.46 -20.12 -2.89
CA ASP B 85 -3.79 -21.41 -2.83
C ASP B 85 -4.18 -22.38 -3.93
N ASP B 86 -5.48 -22.60 -4.11
CA ASP B 86 -5.98 -23.54 -5.10
C ASP B 86 -7.37 -23.15 -5.58
N LYS B 87 -8.03 -24.07 -6.27
CA LYS B 87 -9.37 -23.83 -6.78
C LYS B 87 -10.40 -23.64 -5.67
N ALA B 88 -10.24 -24.41 -4.59
CA ALA B 88 -11.14 -24.33 -3.45
C ALA B 88 -11.18 -22.91 -2.88
N GLU B 89 -10.01 -22.27 -2.86
CA GLU B 89 -9.92 -20.91 -2.34
C GLU B 89 -10.52 -19.91 -3.34
N VAL B 90 -10.31 -20.16 -4.63
CA VAL B 90 -10.87 -19.30 -5.66
C VAL B 90 -12.39 -19.39 -5.52
N ASP B 91 -12.86 -20.61 -5.34
CA ASP B 91 -14.28 -20.87 -5.19
C ASP B 91 -14.88 -20.26 -3.93
N GLU B 92 -14.13 -20.23 -2.83
CA GLU B 92 -14.65 -19.64 -1.59
C GLU B 92 -14.93 -18.17 -1.85
N TRP B 93 -13.98 -17.47 -2.47
CA TRP B 93 -14.19 -16.05 -2.75
C TRP B 93 -15.30 -15.82 -3.74
N LYS B 94 -15.47 -16.74 -4.69
CA LYS B 94 -16.54 -16.61 -5.65
C LYS B 94 -17.87 -16.66 -4.90
N THR B 95 -17.98 -17.62 -3.99
CA THR B 95 -19.19 -17.79 -3.19
C THR B 95 -19.40 -16.56 -2.34
N ARG B 96 -18.32 -16.02 -1.80
CA ARG B 96 -18.39 -14.84 -0.96
C ARG B 96 -18.84 -13.59 -1.72
N PHE B 97 -18.49 -13.48 -3.00
CA PHE B 97 -18.90 -12.32 -3.77
C PHE B 97 -20.41 -12.39 -4.01
N GLU B 98 -20.90 -13.60 -4.24
CA GLU B 98 -22.31 -13.84 -4.49
C GLU B 98 -23.12 -13.57 -3.22
N ALA B 99 -22.59 -13.98 -2.09
CA ALA B 99 -23.24 -13.76 -0.81
C ALA B 99 -23.36 -12.28 -0.54
N LEU B 100 -22.41 -11.52 -1.05
CA LEU B 100 -22.40 -10.07 -0.87
C LEU B 100 -23.13 -9.38 -2.03
N GLU B 101 -23.72 -10.21 -2.89
CA GLU B 101 -24.46 -9.77 -4.06
C GLU B 101 -23.61 -8.85 -4.96
N ILE B 102 -22.35 -9.21 -5.09
CA ILE B 102 -21.40 -8.50 -5.95
C ILE B 102 -21.40 -9.37 -7.20
N PRO B 103 -21.69 -8.79 -8.35
CA PRO B 103 -21.71 -9.60 -9.57
C PRO B 103 -20.36 -10.19 -9.96
N VAL B 104 -20.33 -11.50 -10.25
CA VAL B 104 -19.12 -12.16 -10.67
C VAL B 104 -18.98 -11.93 -12.19
N GLU B 105 -18.08 -11.04 -12.57
CA GLU B 105 -17.88 -10.70 -13.98
C GLU B 105 -17.38 -11.85 -14.84
N HIS B 106 -16.54 -12.72 -14.28
CA HIS B 106 -16.05 -13.84 -15.04
C HIS B 106 -15.40 -14.93 -14.20
N TYR B 107 -15.74 -16.18 -14.52
CA TYR B 107 -15.18 -17.34 -13.85
C TYR B 107 -14.46 -18.03 -14.99
N HIS B 108 -13.14 -18.20 -14.85
CA HIS B 108 -12.35 -18.79 -15.92
C HIS B 108 -11.48 -19.99 -15.57
N ARG B 109 -11.49 -20.98 -16.45
CA ARG B 109 -10.64 -22.17 -16.28
C ARG B 109 -9.60 -22.03 -17.38
N TRP B 110 -8.35 -21.91 -16.97
CA TRP B 110 -7.25 -21.75 -17.91
C TRP B 110 -6.80 -23.10 -18.47
N PRO B 111 -6.04 -23.08 -19.57
CA PRO B 111 -5.56 -24.32 -20.20
C PRO B 111 -4.98 -25.37 -19.27
N ASN B 112 -4.20 -24.97 -18.29
CA ASN B 112 -3.60 -25.95 -17.39
C ASN B 112 -4.53 -26.40 -16.27
N GLY B 113 -5.77 -25.91 -16.31
CA GLY B 113 -6.74 -26.27 -15.29
C GLY B 113 -6.75 -25.34 -14.09
N SER B 114 -6.31 -24.11 -14.30
CA SER B 114 -6.28 -23.11 -13.23
C SER B 114 -7.58 -22.32 -13.24
N TYR B 115 -7.92 -21.71 -12.10
CA TYR B 115 -9.15 -20.92 -12.02
C TYR B 115 -8.97 -19.50 -11.48
N SER B 116 -9.78 -18.60 -12.04
CA SER B 116 -9.81 -17.19 -11.64
C SER B 116 -11.25 -16.70 -11.57
N VAL B 117 -11.47 -15.66 -10.76
CA VAL B 117 -12.78 -15.03 -10.64
C VAL B 117 -12.49 -13.53 -10.81
N TYR B 118 -13.39 -12.82 -11.48
CA TYR B 118 -13.22 -11.40 -11.71
C TYR B 118 -14.40 -10.57 -11.23
N ILE B 119 -14.12 -9.47 -10.55
CA ILE B 119 -15.18 -8.58 -10.11
C ILE B 119 -14.66 -7.16 -10.30
N ARG B 120 -15.49 -6.19 -10.00
CA ARG B 120 -15.09 -4.81 -10.14
C ARG B 120 -15.18 -4.14 -8.78
N ASP B 121 -14.21 -3.30 -8.47
CA ASP B 121 -14.23 -2.56 -7.22
C ASP B 121 -15.11 -1.33 -7.58
N PRO B 122 -15.50 -0.51 -6.61
CA PRO B 122 -16.34 0.65 -6.93
C PRO B 122 -15.81 1.63 -7.98
N ALA B 123 -14.50 1.71 -8.14
CA ALA B 123 -13.90 2.61 -9.10
C ALA B 123 -13.89 2.07 -10.52
N GLY B 124 -14.18 0.78 -10.67
CA GLY B 124 -14.21 0.18 -11.98
C GLY B 124 -13.00 -0.70 -12.27
N ASN B 125 -12.05 -0.74 -11.34
CA ASN B 125 -10.85 -1.54 -11.50
C ASN B 125 -11.17 -3.02 -11.56
N SER B 126 -10.50 -3.71 -12.47
CA SER B 126 -10.70 -5.14 -12.62
C SER B 126 -9.89 -5.80 -11.51
N VAL B 127 -10.60 -6.39 -10.55
CA VAL B 127 -9.98 -7.06 -9.41
C VAL B 127 -10.16 -8.56 -9.60
N GLU B 128 -9.04 -9.29 -9.59
CA GLU B 128 -9.04 -10.74 -9.81
C GLU B 128 -8.48 -11.53 -8.63
N VAL B 129 -8.90 -12.79 -8.56
CA VAL B 129 -8.44 -13.72 -7.55
C VAL B 129 -8.13 -14.99 -8.33
N GLY B 130 -6.85 -15.30 -8.48
CA GLY B 130 -6.46 -16.48 -9.21
C GLY B 130 -5.52 -17.34 -8.40
N GLU B 131 -5.44 -18.64 -8.71
CA GLU B 131 -4.55 -19.53 -7.98
C GLU B 131 -3.12 -19.44 -8.51
N GLY B 132 -2.18 -19.82 -7.65
CA GLY B 132 -0.78 -19.80 -8.03
C GLY B 132 -0.46 -20.79 -9.11
N LYS B 133 -1.37 -21.73 -9.36
CA LYS B 133 -1.19 -22.75 -10.40
C LYS B 133 -1.17 -22.07 -11.73
N LEU B 134 -1.83 -20.93 -11.79
CA LEU B 134 -1.91 -20.15 -13.01
C LEU B 134 -0.51 -19.90 -13.57
N TRP B 135 0.40 -19.35 -12.77
CA TRP B 135 1.76 -19.07 -13.26
C TRP B 135 2.80 -20.08 -12.79
N GLY B 136 2.36 -21.20 -12.25
CA GLY B 136 3.28 -22.21 -11.79
C GLY B 136 3.94 -21.89 -10.45
N PHE B 137 3.22 -21.21 -9.57
CA PHE B 137 3.74 -20.89 -8.25
C PHE B 137 3.27 -22.01 -7.32
N GLU B 138 4.21 -22.83 -6.85
CA GLU B 138 3.86 -23.94 -5.95
C GLU B 138 2.95 -23.46 -4.83
N LYS C 4 -16.15 35.63 23.80
CA LYS C 4 -16.99 34.42 23.57
C LYS C 4 -16.19 33.14 23.82
N PRO C 5 -16.61 32.34 24.82
CA PRO C 5 -15.90 31.09 25.13
C PRO C 5 -16.07 30.07 24.01
N PRO C 6 -15.13 29.12 23.88
CA PRO C 6 -15.24 28.11 22.82
C PRO C 6 -16.57 27.38 23.01
N SER C 7 -17.21 26.99 21.91
CA SER C 7 -18.50 26.31 21.97
C SER C 7 -18.42 24.81 22.12
N ALA C 8 -17.20 24.28 22.10
CA ALA C 8 -17.01 22.82 22.23
C ALA C 8 -15.54 22.44 22.28
N ILE C 9 -15.33 21.13 22.45
CA ILE C 9 -14.01 20.53 22.47
C ILE C 9 -14.06 19.65 21.21
N MET C 10 -13.25 20.00 20.22
CA MET C 10 -13.23 19.24 18.99
C MET C 10 -12.32 18.01 19.03
N GLU C 11 -11.18 18.11 19.70
CA GLU C 11 -10.26 16.97 19.79
C GLU C 11 -9.93 16.54 21.20
N THR C 12 -9.83 15.23 21.39
CA THR C 12 -9.52 14.59 22.68
C THR C 12 -8.40 13.60 22.38
N ALA C 13 -7.30 13.71 23.12
CA ALA C 13 -6.15 12.84 22.88
C ALA C 13 -5.86 11.80 23.96
N LEU C 14 -5.50 10.61 23.50
CA LEU C 14 -5.14 9.50 24.38
C LEU C 14 -3.77 9.01 23.92
N TYR C 15 -3.14 8.17 24.73
CA TYR C 15 -1.85 7.63 24.41
C TYR C 15 -1.84 6.11 24.62
N ALA C 16 -1.04 5.42 23.82
CA ALA C 16 -0.90 3.97 23.91
C ALA C 16 0.33 3.54 23.12
N ASP C 17 1.20 2.75 23.75
CA ASP C 17 2.41 2.26 23.10
C ASP C 17 2.03 1.27 22.01
N ASP C 18 0.91 0.57 22.20
CA ASP C 18 0.47 -0.38 21.19
C ASP C 18 -0.76 0.14 20.45
N LEU C 19 -0.50 0.91 19.40
CA LEU C 19 -1.56 1.50 18.62
C LEU C 19 -2.42 0.46 17.94
N ASP C 20 -1.82 -0.63 17.46
CA ASP C 20 -2.59 -1.67 16.80
C ASP C 20 -3.72 -2.22 17.67
N ALA C 21 -3.49 -2.37 18.97
CA ALA C 21 -4.53 -2.89 19.86
C ALA C 21 -5.57 -1.81 20.20
N ALA C 22 -5.11 -0.58 20.34
CA ALA C 22 -6.00 0.53 20.63
C ALA C 22 -6.95 0.68 19.45
N GLU C 23 -6.38 0.65 18.25
CA GLU C 23 -7.14 0.77 17.01
C GLU C 23 -8.28 -0.25 16.97
N ALA C 24 -7.95 -1.52 17.17
CA ALA C 24 -8.97 -2.59 17.15
C ALA C 24 -10.07 -2.34 18.17
N PHE C 25 -9.66 -1.89 19.36
CA PHE C 25 -10.59 -1.61 20.46
C PHE C 25 -11.61 -0.53 20.18
N TYR C 26 -11.18 0.62 19.68
CA TYR C 26 -12.15 1.68 19.43
C TYR C 26 -12.91 1.44 18.13
N ARG C 27 -12.30 0.69 17.23
CA ARG C 27 -12.91 0.36 15.94
C ARG C 27 -14.05 -0.64 16.13
N ASP C 28 -13.72 -1.78 16.73
CA ASP C 28 -14.68 -2.85 16.91
C ASP C 28 -15.60 -2.81 18.11
N VAL C 29 -15.18 -2.20 19.21
CA VAL C 29 -16.02 -2.14 20.41
C VAL C 29 -17.02 -0.99 20.34
N PHE C 30 -16.58 0.16 19.84
CA PHE C 30 -17.43 1.33 19.75
C PHE C 30 -17.81 1.75 18.32
N GLY C 31 -17.36 1.00 17.32
CA GLY C 31 -17.68 1.34 15.94
C GLY C 31 -17.39 2.77 15.51
N LEU C 32 -16.23 3.30 15.91
CA LEU C 32 -15.88 4.66 15.52
C LEU C 32 -15.21 4.59 14.15
N GLU C 33 -15.32 5.66 13.35
CA GLU C 33 -14.68 5.64 12.04
C GLU C 33 -13.25 6.17 12.09
N MET C 34 -12.36 5.48 11.40
CA MET C 34 -10.96 5.88 11.34
C MET C 34 -10.85 6.90 10.24
N VAL C 35 -10.35 8.07 10.60
CA VAL C 35 -10.21 9.15 9.65
C VAL C 35 -8.78 9.25 9.14
N LEU C 36 -7.83 9.19 10.06
CA LEU C 36 -6.44 9.32 9.70
C LEU C 36 -5.58 8.34 10.48
N LYS C 37 -4.55 7.82 9.83
CA LYS C 37 -3.65 6.87 10.47
C LYS C 37 -2.26 6.89 9.82
N LEU C 38 -1.24 6.94 10.66
CA LEU C 38 0.16 6.89 10.22
C LEU C 38 0.75 5.76 11.03
N PRO C 39 1.17 4.69 10.36
CA PRO C 39 1.74 3.53 11.07
C PRO C 39 2.82 3.85 12.11
N GLY C 40 2.62 3.30 13.30
CA GLY C 40 3.56 3.52 14.38
C GLY C 40 3.46 4.84 15.09
N GLN C 41 2.70 5.80 14.56
CA GLN C 41 2.60 7.11 15.20
C GLN C 41 1.23 7.46 15.76
N LEU C 42 0.18 7.33 14.95
CA LEU C 42 -1.16 7.69 15.42
C LEU C 42 -2.34 7.10 14.65
N VAL C 43 -3.48 7.12 15.33
CA VAL C 43 -4.74 6.63 14.79
C VAL C 43 -5.81 7.60 15.27
N PHE C 44 -6.51 8.22 14.34
CA PHE C 44 -7.55 9.20 14.66
C PHE C 44 -8.96 8.70 14.31
N PHE C 45 -9.87 8.86 15.25
CA PHE C 45 -11.24 8.44 15.08
C PHE C 45 -12.20 9.60 15.16
N LYS C 46 -13.28 9.50 14.38
CA LYS C 46 -14.32 10.50 14.40
C LYS C 46 -15.44 9.96 15.30
N CYS C 47 -15.96 10.81 16.17
CA CYS C 47 -17.06 10.44 17.05
C CYS C 47 -17.95 11.66 17.06
N GLY C 48 -19.05 11.57 16.31
CA GLY C 48 -19.96 12.70 16.22
C GLY C 48 -19.21 13.87 15.60
N ARG C 49 -19.25 15.03 16.24
CA ARG C 49 -18.56 16.22 15.74
C ARG C 49 -17.20 16.44 16.38
N GLN C 50 -16.62 15.36 16.91
CA GLN C 50 -15.30 15.45 17.50
C GLN C 50 -14.38 14.32 17.10
N MET C 51 -13.15 14.38 17.59
CA MET C 51 -12.14 13.40 17.24
C MET C 51 -11.45 12.77 18.44
N LEU C 52 -11.25 11.47 18.37
CA LEU C 52 -10.54 10.75 19.41
C LEU C 52 -9.17 10.46 18.81
N LEU C 53 -8.16 11.11 19.37
CA LEU C 53 -6.81 10.95 18.88
C LEU C 53 -6.02 9.93 19.70
N LEU C 54 -5.41 8.97 19.02
CA LEU C 54 -4.60 7.96 19.67
C LEU C 54 -3.16 8.21 19.24
N PHE C 55 -2.28 8.48 20.21
CA PHE C 55 -0.88 8.76 19.94
C PHE C 55 0.07 7.81 20.67
N ASP C 56 1.20 7.53 20.04
CA ASP C 56 2.25 6.72 20.65
C ASP C 56 2.97 7.85 21.37
N PRO C 57 2.92 7.88 22.72
CA PRO C 57 3.58 8.95 23.48
C PRO C 57 5.03 9.25 23.14
N GLN C 58 5.85 8.22 22.91
CA GLN C 58 7.25 8.45 22.58
C GLN C 58 7.40 9.10 21.20
N GLU C 59 6.51 8.78 20.27
CA GLU C 59 6.59 9.35 18.92
C GLU C 59 6.06 10.77 18.78
N SER C 60 5.04 11.12 19.55
CA SER C 60 4.49 12.47 19.49
C SER C 60 5.38 13.41 20.32
N SER C 61 6.18 12.79 21.19
CA SER C 61 7.09 13.49 22.09
C SER C 61 8.44 13.90 21.48
N ARG C 62 8.99 13.04 20.65
CA ARG C 62 10.31 13.28 20.09
C ARG C 62 10.52 14.51 19.21
N ALA C 63 11.74 15.05 19.30
CA ALA C 63 12.12 16.21 18.53
C ALA C 63 12.37 15.78 17.09
N ASP C 64 11.90 16.60 16.16
CA ASP C 64 12.03 16.37 14.73
C ASP C 64 12.00 17.79 14.15
N ALA C 65 13.18 18.25 13.74
CA ALA C 65 13.38 19.57 13.18
C ALA C 65 12.37 20.00 12.11
N ASN C 66 11.86 19.06 11.32
CA ASN C 66 10.88 19.46 10.31
C ASN C 66 9.48 18.86 10.55
N ASN C 67 9.00 19.09 11.77
CA ASN C 67 7.68 18.70 12.21
C ASN C 67 7.39 19.91 13.07
N PRO C 68 6.54 20.83 12.57
CA PRO C 68 6.22 22.03 13.34
C PRO C 68 5.07 21.89 14.35
N ILE C 69 4.45 20.72 14.42
CA ILE C 69 3.38 20.54 15.37
C ILE C 69 3.97 20.44 16.79
N PRO C 70 3.38 21.15 17.77
CA PRO C 70 3.87 21.12 19.16
C PRO C 70 3.94 19.69 19.69
N ARG C 71 5.00 19.39 20.43
CA ARG C 71 5.19 18.07 21.00
C ARG C 71 4.29 17.81 22.20
N HIS C 72 4.00 16.53 22.44
CA HIS C 72 3.18 16.14 23.58
C HIS C 72 3.34 14.62 23.78
N GLY C 73 3.00 14.14 24.96
CA GLY C 73 3.11 12.73 25.28
C GLY C 73 3.07 12.46 26.78
N ALA C 74 2.01 11.84 27.26
CA ALA C 74 1.85 11.52 28.66
C ALA C 74 1.93 10.03 28.88
N VAL C 75 2.50 9.68 30.03
CA VAL C 75 2.67 8.30 30.44
C VAL C 75 1.73 8.09 31.61
N GLY C 76 0.91 7.04 31.51
CA GLY C 76 -0.04 6.75 32.57
C GLY C 76 -1.48 6.67 32.08
N GLN C 77 -2.34 6.09 32.91
CA GLN C 77 -3.74 5.93 32.56
C GLN C 77 -4.50 7.24 32.36
N GLY C 78 -5.06 7.39 31.17
CA GLY C 78 -5.83 8.57 30.85
C GLY C 78 -7.27 8.33 31.23
N HIS C 79 -8.17 9.14 30.68
CA HIS C 79 -9.59 9.03 30.97
C HIS C 79 -10.39 9.95 30.06
N PHE C 80 -11.55 9.46 29.62
CA PHE C 80 -12.48 10.22 28.80
C PHE C 80 -13.84 9.51 28.85
N CYS C 81 -14.91 10.26 28.62
CA CYS C 81 -16.23 9.68 28.69
C CYS C 81 -17.09 9.92 27.47
N PHE C 82 -17.62 8.83 26.92
CA PHE C 82 -18.50 8.90 25.76
C PHE C 82 -19.85 9.37 26.24
N TYR C 83 -20.56 10.08 25.39
CA TYR C 83 -21.89 10.58 25.73
C TYR C 83 -22.91 9.46 25.56
N ALA C 84 -23.97 9.53 26.37
CA ALA C 84 -25.06 8.57 26.32
C ALA C 84 -26.31 9.39 26.59
N ASP C 85 -27.35 9.20 25.78
CA ASP C 85 -28.60 9.92 25.95
C ASP C 85 -29.30 9.60 27.26
N ASP C 86 -29.29 8.33 27.66
CA ASP C 86 -29.94 7.93 28.90
C ASP C 86 -29.44 6.61 29.46
N LYS C 87 -30.07 6.20 30.55
CA LYS C 87 -29.71 4.96 31.22
C LYS C 87 -29.77 3.81 30.23
N ALA C 88 -30.83 3.76 29.44
CA ALA C 88 -31.01 2.71 28.45
C ALA C 88 -29.76 2.48 27.63
N GLU C 89 -29.21 3.57 27.06
CA GLU C 89 -27.98 3.47 26.28
C GLU C 89 -26.84 2.90 27.12
N VAL C 90 -26.64 3.47 28.30
CA VAL C 90 -25.58 3.03 29.20
C VAL C 90 -25.66 1.51 29.40
N ASP C 91 -26.86 1.01 29.72
CA ASP C 91 -27.03 -0.42 29.92
C ASP C 91 -26.74 -1.19 28.64
N GLU C 92 -27.15 -0.63 27.50
CA GLU C 92 -26.88 -1.29 26.23
C GLU C 92 -25.38 -1.44 26.03
N TRP C 93 -24.62 -0.39 26.35
CA TRP C 93 -23.18 -0.46 26.22
C TRP C 93 -22.63 -1.46 27.22
N LYS C 94 -23.21 -1.46 28.42
CA LYS C 94 -22.77 -2.38 29.48
C LYS C 94 -22.97 -3.81 29.03
N THR C 95 -24.14 -4.07 28.46
CA THR C 95 -24.50 -5.40 27.99
C THR C 95 -23.58 -5.80 26.85
N ARG C 96 -23.15 -4.81 26.07
CA ARG C 96 -22.28 -5.10 24.94
C ARG C 96 -20.87 -5.44 25.37
N PHE C 97 -20.32 -4.71 26.34
CA PHE C 97 -18.95 -5.00 26.79
C PHE C 97 -18.92 -6.45 27.29
N GLU C 98 -19.84 -6.75 28.19
CA GLU C 98 -19.97 -8.07 28.78
C GLU C 98 -20.09 -9.12 27.66
N ALA C 99 -20.93 -8.84 26.66
CA ALA C 99 -21.10 -9.76 25.54
C ALA C 99 -19.81 -9.87 24.71
N LEU C 100 -18.89 -8.94 24.91
CA LEU C 100 -17.60 -8.95 24.21
C LEU C 100 -16.53 -9.42 25.19
N GLU C 101 -16.98 -9.96 26.32
CA GLU C 101 -16.11 -10.46 27.38
C GLU C 101 -15.21 -9.37 27.92
N ILE C 102 -15.59 -8.12 27.69
CA ILE C 102 -14.81 -7.00 28.20
C ILE C 102 -15.20 -6.86 29.66
N PRO C 103 -14.23 -6.94 30.58
CA PRO C 103 -14.59 -6.81 32.00
C PRO C 103 -15.06 -5.40 32.34
N VAL C 104 -16.29 -5.29 32.86
CA VAL C 104 -16.83 -4.00 33.24
C VAL C 104 -16.23 -3.68 34.62
N GLU C 105 -15.42 -2.63 34.66
CA GLU C 105 -14.78 -2.22 35.89
C GLU C 105 -15.71 -1.55 36.90
N HIS C 106 -16.69 -0.80 36.40
CA HIS C 106 -17.58 -0.10 37.31
C HIS C 106 -18.90 0.39 36.73
N TYR C 107 -19.97 0.21 37.50
CA TYR C 107 -21.30 0.66 37.11
C TYR C 107 -21.75 1.52 38.31
N HIS C 108 -21.74 2.83 38.10
CA HIS C 108 -22.05 3.80 39.16
C HIS C 108 -23.35 4.58 38.96
N ARG C 109 -24.09 4.77 40.03
CA ARG C 109 -25.33 5.55 40.02
C ARG C 109 -24.96 6.80 40.80
N TRP C 110 -25.06 7.96 40.14
CA TRP C 110 -24.69 9.21 40.81
C TRP C 110 -25.82 9.81 41.67
N PRO C 111 -25.46 10.73 42.59
CA PRO C 111 -26.46 11.36 43.47
C PRO C 111 -27.72 11.90 42.79
N ASN C 112 -27.67 12.17 41.50
CA ASN C 112 -28.88 12.67 40.84
C ASN C 112 -29.53 11.59 39.97
N GLY C 113 -29.35 10.34 40.38
CA GLY C 113 -29.95 9.22 39.67
C GLY C 113 -29.45 8.93 38.26
N SER C 114 -28.32 9.52 37.87
CA SER C 114 -27.74 9.31 36.56
C SER C 114 -26.77 8.15 36.64
N TYR C 115 -26.52 7.50 35.52
CA TYR C 115 -25.62 6.36 35.49
C TYR C 115 -24.46 6.51 34.51
N SER C 116 -23.44 5.68 34.70
CA SER C 116 -22.28 5.66 33.82
C SER C 116 -21.55 4.33 34.05
N VAL C 117 -20.88 3.84 33.00
CA VAL C 117 -20.10 2.60 33.02
C VAL C 117 -18.62 2.88 32.79
N TYR C 118 -17.76 1.99 33.30
CA TYR C 118 -16.33 2.16 33.16
C TYR C 118 -15.65 0.87 32.75
N ILE C 119 -14.72 0.98 31.81
CA ILE C 119 -13.94 -0.15 31.34
C ILE C 119 -12.57 0.38 30.99
N ARG C 120 -11.70 -0.47 30.52
CA ARG C 120 -10.34 -0.06 30.18
C ARG C 120 -10.04 -0.42 28.75
N ASP C 121 -9.29 0.44 28.06
CA ASP C 121 -8.88 0.12 26.70
C ASP C 121 -7.58 -0.67 26.88
N PRO C 122 -7.10 -1.35 25.83
CA PRO C 122 -5.85 -2.12 25.99
C PRO C 122 -4.66 -1.38 26.63
N ALA C 123 -4.70 -0.06 26.63
CA ALA C 123 -3.61 0.74 27.21
C ALA C 123 -3.74 1.00 28.70
N GLY C 124 -4.94 0.80 29.23
CA GLY C 124 -5.15 1.05 30.64
C GLY C 124 -5.90 2.34 30.89
N ASN C 125 -6.30 3.00 29.80
CA ASN C 125 -7.05 4.24 29.87
C ASN C 125 -8.46 3.94 30.37
N SER C 126 -8.97 4.77 31.26
CA SER C 126 -10.30 4.59 31.79
C SER C 126 -11.32 5.19 30.80
N VAL C 127 -11.95 4.30 30.02
CA VAL C 127 -12.96 4.69 29.05
C VAL C 127 -14.31 4.61 29.73
N GLU C 128 -15.05 5.71 29.71
CA GLU C 128 -16.35 5.78 30.35
C GLU C 128 -17.47 6.12 29.37
N VAL C 129 -18.69 5.71 29.72
CA VAL C 129 -19.87 6.02 28.93
C VAL C 129 -20.84 6.54 29.97
N GLY C 130 -21.29 7.78 29.81
CA GLY C 130 -22.20 8.36 30.77
C GLY C 130 -23.37 9.14 30.17
N GLU C 131 -24.42 9.25 30.96
CA GLU C 131 -25.65 9.97 30.61
C GLU C 131 -25.39 11.46 30.54
N GLY C 132 -26.07 12.14 29.63
CA GLY C 132 -25.90 13.57 29.52
C GLY C 132 -26.38 14.22 30.81
N LYS C 133 -27.35 13.58 31.44
CA LYS C 133 -27.92 14.04 32.70
C LYS C 133 -26.86 14.23 33.79
N LEU C 134 -25.74 13.53 33.64
CA LEU C 134 -24.60 13.61 34.56
C LEU C 134 -24.32 15.07 34.86
N TRP C 135 -24.30 15.88 33.81
CA TRP C 135 -24.03 17.30 33.96
C TRP C 135 -25.19 18.24 33.68
N GLY C 136 -26.30 17.69 33.22
CA GLY C 136 -27.45 18.52 32.95
C GLY C 136 -27.67 18.75 31.47
N PHE C 137 -27.16 17.82 30.67
CA PHE C 137 -27.31 17.92 29.22
C PHE C 137 -28.57 17.14 28.87
N LYS D 4 -25.69 1.32 17.38
CA LYS D 4 -25.28 2.75 17.16
C LYS D 4 -24.02 3.16 17.95
N PRO D 5 -22.96 3.62 17.25
CA PRO D 5 -21.75 4.02 17.98
C PRO D 5 -22.01 5.28 18.82
N PRO D 6 -21.09 5.63 19.73
CA PRO D 6 -21.29 6.83 20.55
C PRO D 6 -21.52 8.06 19.67
N SER D 7 -22.34 8.99 20.13
CA SER D 7 -22.64 10.18 19.36
C SER D 7 -21.72 11.37 19.65
N ALA D 8 -20.97 11.27 20.74
CA ALA D 8 -20.06 12.35 21.11
C ALA D 8 -19.19 12.00 22.31
N ILE D 9 -18.26 12.89 22.61
CA ILE D 9 -17.40 12.74 23.76
C ILE D 9 -17.95 13.77 24.73
N MET D 10 -18.28 13.35 25.94
CA MET D 10 -18.81 14.26 26.94
C MET D 10 -17.71 14.79 27.86
N GLU D 11 -16.74 13.95 28.21
CA GLU D 11 -15.68 14.38 29.10
C GLU D 11 -14.25 14.19 28.57
N THR D 12 -13.47 15.26 28.66
CA THR D 12 -12.07 15.28 28.24
C THR D 12 -11.31 15.61 29.51
N ALA D 13 -10.27 14.83 29.81
CA ALA D 13 -9.48 15.07 31.01
C ALA D 13 -8.05 15.46 30.73
N LEU D 14 -7.54 16.36 31.55
CA LEU D 14 -6.17 16.82 31.46
C LEU D 14 -5.66 16.76 32.88
N TYR D 15 -4.35 16.79 33.03
CA TYR D 15 -3.75 16.73 34.34
C TYR D 15 -2.89 17.96 34.55
N ALA D 16 -2.61 18.27 35.82
CA ALA D 16 -1.82 19.43 36.20
C ALA D 16 -1.57 19.37 37.71
N ASP D 17 -0.36 19.68 38.13
CA ASP D 17 -0.01 19.67 39.54
C ASP D 17 -0.46 20.94 40.22
N ASP D 18 -0.45 22.04 39.47
CA ASP D 18 -0.86 23.36 39.96
C ASP D 18 -2.31 23.57 39.49
N LEU D 19 -3.27 23.06 40.26
CA LEU D 19 -4.68 23.20 39.89
C LEU D 19 -5.21 24.63 39.89
N ASP D 20 -4.69 25.49 40.78
CA ASP D 20 -5.13 26.87 40.82
C ASP D 20 -4.73 27.62 39.54
N ALA D 21 -3.51 27.37 39.06
CA ALA D 21 -2.99 28.02 37.86
C ALA D 21 -3.75 27.60 36.61
N ALA D 22 -4.09 26.31 36.54
CA ALA D 22 -4.84 25.75 35.41
C ALA D 22 -6.26 26.30 35.45
N GLU D 23 -6.82 26.40 36.64
CA GLU D 23 -8.17 26.92 36.80
C GLU D 23 -8.24 28.35 36.28
N ALA D 24 -7.28 29.17 36.70
CA ALA D 24 -7.22 30.56 36.30
C ALA D 24 -7.07 30.68 34.80
N PHE D 25 -6.25 29.79 34.24
CA PHE D 25 -5.99 29.76 32.80
C PHE D 25 -7.25 29.62 31.96
N TYR D 26 -7.97 28.53 32.17
CA TYR D 26 -9.18 28.27 31.42
C TYR D 26 -10.33 29.24 31.76
N ARG D 27 -10.37 29.70 33.00
CA ARG D 27 -11.40 30.63 33.44
C ARG D 27 -11.19 32.00 32.80
N ASP D 28 -10.01 32.56 32.96
CA ASP D 28 -9.72 33.88 32.41
C ASP D 28 -9.40 33.90 30.91
N VAL D 29 -8.53 33.01 30.44
CA VAL D 29 -8.19 32.99 29.02
C VAL D 29 -9.31 32.49 28.11
N PHE D 30 -9.97 31.40 28.51
CA PHE D 30 -11.04 30.84 27.69
C PHE D 30 -12.46 31.11 28.13
N GLY D 31 -12.61 31.76 29.29
CA GLY D 31 -13.92 32.08 29.80
C GLY D 31 -14.86 30.89 30.03
N LEU D 32 -14.29 29.75 30.39
CA LEU D 32 -15.10 28.57 30.63
C LEU D 32 -15.83 28.62 31.97
N GLU D 33 -17.01 28.01 32.00
CA GLU D 33 -17.84 27.95 33.19
C GLU D 33 -17.32 26.89 34.17
N MET D 34 -16.98 27.29 35.39
CA MET D 34 -16.50 26.33 36.37
C MET D 34 -17.72 25.67 37.01
N VAL D 35 -17.79 24.35 36.88
CA VAL D 35 -18.91 23.56 37.36
C VAL D 35 -18.65 22.89 38.71
N LEU D 36 -17.49 22.30 38.87
CA LEU D 36 -17.20 21.62 40.12
C LEU D 36 -15.76 21.84 40.61
N LYS D 37 -15.58 21.92 41.92
CA LYS D 37 -14.24 22.11 42.45
C LYS D 37 -14.05 21.54 43.85
N LEU D 38 -12.91 20.87 44.01
CA LEU D 38 -12.50 20.26 45.27
C LEU D 38 -11.03 20.61 45.31
N PRO D 39 -10.64 21.56 46.17
CA PRO D 39 -9.24 21.97 46.28
C PRO D 39 -8.26 20.82 46.35
N GLY D 40 -7.13 21.00 45.67
CA GLY D 40 -6.08 19.99 45.66
C GLY D 40 -6.39 18.74 44.86
N GLN D 41 -7.67 18.53 44.54
CA GLN D 41 -8.05 17.33 43.79
C GLN D 41 -8.37 17.56 42.32
N LEU D 42 -9.40 18.37 42.06
CA LEU D 42 -9.81 18.58 40.68
C LEU D 42 -10.62 19.85 40.45
N VAL D 43 -10.72 20.26 39.18
CA VAL D 43 -11.48 21.42 38.78
C VAL D 43 -12.23 21.09 37.48
N PHE D 44 -13.55 21.15 37.54
CA PHE D 44 -14.37 20.81 36.39
C PHE D 44 -15.01 22.02 35.70
N PHE D 45 -14.75 22.12 34.41
CA PHE D 45 -15.26 23.20 33.57
C PHE D 45 -16.26 22.67 32.56
N LYS D 46 -17.11 23.56 32.07
CA LYS D 46 -18.10 23.20 31.09
C LYS D 46 -17.78 23.95 29.80
N CYS D 47 -17.81 23.23 28.68
CA CYS D 47 -17.55 23.80 27.37
C CYS D 47 -18.63 23.28 26.45
N GLY D 48 -19.59 24.15 26.11
CA GLY D 48 -20.70 23.74 25.29
C GLY D 48 -21.44 22.59 25.95
N ARG D 49 -21.56 21.48 25.24
CA ARG D 49 -22.23 20.29 25.75
C ARG D 49 -21.23 19.29 26.31
N GLN D 50 -20.03 19.74 26.63
CA GLN D 50 -19.00 18.87 27.15
C GLN D 50 -18.39 19.37 28.43
N MET D 51 -17.46 18.60 28.99
CA MET D 51 -16.80 18.96 30.22
C MET D 51 -15.29 18.81 30.10
N LEU D 52 -14.55 19.82 30.54
CA LEU D 52 -13.11 19.74 30.55
C LEU D 52 -12.79 19.42 32.01
N LEU D 53 -12.21 18.26 32.24
CA LEU D 53 -11.86 17.83 33.58
C LEU D 53 -10.38 17.98 33.87
N LEU D 54 -10.06 18.67 34.97
CA LEU D 54 -8.68 18.89 35.36
C LEU D 54 -8.39 18.11 36.63
N PHE D 55 -7.38 17.25 36.61
CA PHE D 55 -7.02 16.46 37.78
C PHE D 55 -5.55 16.58 38.17
N ASP D 56 -5.28 16.45 39.47
CA ASP D 56 -3.92 16.40 39.95
C ASP D 56 -3.69 14.90 39.74
N PRO D 57 -2.84 14.54 38.77
CA PRO D 57 -2.61 13.11 38.53
C PRO D 57 -2.22 12.27 39.74
N GLN D 58 -1.55 12.88 40.71
CA GLN D 58 -1.15 12.14 41.90
C GLN D 58 -2.34 11.83 42.81
N GLU D 59 -3.35 12.69 42.79
CA GLU D 59 -4.54 12.52 43.62
C GLU D 59 -5.49 11.58 42.92
N SER D 60 -5.47 11.68 41.61
CA SER D 60 -6.32 10.91 40.72
C SER D 60 -5.86 9.43 40.66
N SER D 61 -4.54 9.21 40.59
CA SER D 61 -3.90 7.89 40.55
C SER D 61 -3.96 7.24 41.94
N ARG D 62 -3.76 8.08 42.96
CA ARG D 62 -3.76 7.64 44.34
C ARG D 62 -4.91 6.70 44.66
N ALA D 63 -4.53 5.48 45.09
CA ALA D 63 -5.50 4.41 45.42
C ALA D 63 -6.25 4.74 46.69
N ASP D 64 -7.58 4.83 46.59
CA ASP D 64 -8.30 5.13 47.79
C ASP D 64 -9.35 4.16 48.24
N ALA D 65 -9.63 4.37 49.54
CA ALA D 65 -10.54 3.54 50.24
C ALA D 65 -11.96 3.91 49.86
N ASN D 66 -12.57 2.85 49.35
CA ASN D 66 -13.89 2.72 48.85
C ASN D 66 -14.54 3.85 48.13
N ASN D 67 -13.79 4.15 47.09
CA ASN D 67 -14.12 5.10 46.06
C ASN D 67 -14.03 4.24 44.82
N PRO D 68 -15.12 3.52 44.48
CA PRO D 68 -15.09 2.65 43.30
C PRO D 68 -14.73 3.30 41.96
N ILE D 69 -14.90 4.60 41.85
CA ILE D 69 -14.56 5.32 40.60
C ILE D 69 -13.10 5.00 40.20
N PRO D 70 -12.89 4.37 39.03
CA PRO D 70 -11.55 4.01 38.54
C PRO D 70 -10.47 5.05 38.73
N ARG D 71 -9.26 4.56 38.97
CA ARG D 71 -8.10 5.41 39.16
C ARG D 71 -7.48 5.72 37.79
N HIS D 72 -6.95 6.92 37.64
CA HIS D 72 -6.30 7.34 36.40
C HIS D 72 -5.32 8.46 36.77
N GLY D 73 -4.42 8.80 35.87
CA GLY D 73 -3.44 9.85 36.10
C GLY D 73 -2.27 9.79 35.15
N ALA D 74 -2.19 10.75 34.23
CA ALA D 74 -1.07 10.79 33.28
C ALA D 74 -0.06 11.84 33.67
N VAL D 75 1.20 11.55 33.33
CA VAL D 75 2.31 12.44 33.62
C VAL D 75 2.97 12.71 32.28
N GLY D 76 3.00 14.00 31.95
CA GLY D 76 3.56 14.44 30.70
C GLY D 76 2.59 15.44 30.12
N GLN D 77 2.95 16.02 28.99
CA GLN D 77 2.12 17.00 28.34
C GLN D 77 1.01 16.33 27.57
N GLY D 78 -0.21 16.71 27.93
CA GLY D 78 -1.40 16.19 27.29
C GLY D 78 -1.72 17.05 26.10
N HIS D 79 -2.89 16.84 25.52
CA HIS D 79 -3.29 17.59 24.36
C HIS D 79 -4.79 17.47 24.08
N PHE D 80 -5.39 18.61 23.74
CA PHE D 80 -6.80 18.67 23.38
C PHE D 80 -6.99 19.90 22.49
N CYS D 81 -8.07 19.92 21.74
CA CYS D 81 -8.31 21.03 20.83
C CYS D 81 -9.72 21.56 20.93
N PHE D 82 -9.82 22.87 21.09
CA PHE D 82 -11.11 23.55 21.16
C PHE D 82 -11.68 23.67 19.76
N TYR D 83 -13.01 23.67 19.66
CA TYR D 83 -13.67 23.81 18.37
C TYR D 83 -13.75 25.28 18.00
N ALA D 84 -13.69 25.58 16.71
CA ALA D 84 -13.79 26.94 16.22
C ALA D 84 -14.63 26.85 14.96
N ASP D 85 -15.53 27.82 14.75
CA ASP D 85 -16.37 27.79 13.57
C ASP D 85 -15.58 27.97 12.28
N ASP D 86 -14.71 28.97 12.24
CA ASP D 86 -13.90 29.24 11.05
C ASP D 86 -12.56 29.90 11.34
N LYS D 87 -11.83 30.21 10.27
CA LYS D 87 -10.53 30.86 10.37
C LYS D 87 -10.62 32.14 11.17
N ALA D 88 -11.67 32.90 10.93
CA ALA D 88 -11.88 34.18 11.62
C ALA D 88 -11.84 34.01 13.12
N GLU D 89 -12.50 32.97 13.61
CA GLU D 89 -12.51 32.73 15.04
C GLU D 89 -11.14 32.26 15.51
N VAL D 90 -10.47 31.46 14.68
CA VAL D 90 -9.14 30.97 15.01
C VAL D 90 -8.24 32.18 15.18
N ASP D 91 -8.34 33.10 14.23
CA ASP D 91 -7.55 34.32 14.26
C ASP D 91 -7.87 35.17 15.47
N GLU D 92 -9.17 35.38 15.70
CA GLU D 92 -9.59 36.17 16.84
C GLU D 92 -9.03 35.59 18.13
N TRP D 93 -8.91 34.28 18.21
CA TRP D 93 -8.34 33.65 19.41
C TRP D 93 -6.84 33.91 19.41
N LYS D 94 -6.24 33.88 18.22
CA LYS D 94 -4.81 34.12 18.09
C LYS D 94 -4.48 35.51 18.60
N THR D 95 -5.28 36.48 18.15
CA THR D 95 -5.15 37.88 18.53
C THR D 95 -5.24 38.07 20.04
N ARG D 96 -6.17 37.36 20.67
CA ARG D 96 -6.37 37.46 22.10
C ARG D 96 -5.16 36.97 22.87
N PHE D 97 -4.66 35.77 22.53
CA PHE D 97 -3.50 35.19 23.20
C PHE D 97 -2.35 36.17 23.21
N GLU D 98 -2.07 36.74 22.04
CA GLU D 98 -1.00 37.69 21.88
C GLU D 98 -1.20 38.92 22.76
N ALA D 99 -2.42 39.44 22.77
CA ALA D 99 -2.76 40.59 23.61
C ALA D 99 -2.62 40.20 25.07
N LEU D 100 -2.98 38.96 25.38
CA LEU D 100 -2.91 38.46 26.74
C LEU D 100 -1.47 38.06 27.06
N GLU D 101 -0.58 38.29 26.10
CA GLU D 101 0.83 37.95 26.22
C GLU D 101 1.11 36.46 26.42
N ILE D 102 0.21 35.63 25.88
CA ILE D 102 0.38 34.17 25.94
C ILE D 102 1.13 33.88 24.62
N PRO D 103 2.37 33.37 24.70
CA PRO D 103 3.07 33.10 23.44
C PRO D 103 2.43 32.02 22.57
N VAL D 104 2.27 32.34 21.28
CA VAL D 104 1.71 31.43 20.30
C VAL D 104 2.86 30.53 19.83
N GLU D 105 2.69 29.23 20.01
CA GLU D 105 3.73 28.29 19.63
C GLU D 105 3.65 27.90 18.16
N HIS D 106 2.44 27.89 17.62
CA HIS D 106 2.29 27.51 16.23
C HIS D 106 0.96 27.90 15.58
N TYR D 107 1.05 28.34 14.34
CA TYR D 107 -0.10 28.72 13.54
C TYR D 107 0.05 27.80 12.35
N HIS D 108 -0.93 26.93 12.13
CA HIS D 108 -0.79 25.98 11.06
C HIS D 108 -1.91 26.00 10.04
N ARG D 109 -1.54 25.82 8.78
CA ARG D 109 -2.52 25.74 7.71
C ARG D 109 -2.43 24.32 7.15
N TRP D 110 -3.47 23.56 7.40
CA TRP D 110 -3.53 22.19 6.93
C TRP D 110 -3.77 22.14 5.42
N PRO D 111 -3.34 21.06 4.76
CA PRO D 111 -3.55 20.98 3.31
C PRO D 111 -4.99 21.25 2.86
N ASN D 112 -5.97 21.07 3.76
CA ASN D 112 -7.39 21.35 3.45
C ASN D 112 -7.50 22.84 3.13
N GLY D 113 -6.79 23.63 3.91
CA GLY D 113 -6.84 25.07 3.80
C GLY D 113 -7.37 25.54 5.15
N SER D 114 -7.37 24.63 6.10
CA SER D 114 -7.86 24.89 7.45
C SER D 114 -6.74 25.40 8.31
N TYR D 115 -7.10 26.14 9.33
CA TYR D 115 -6.12 26.68 10.23
C TYR D 115 -6.43 26.32 11.68
N SER D 116 -5.39 26.32 12.48
CA SER D 116 -5.48 26.07 13.91
C SER D 116 -4.26 26.74 14.53
N VAL D 117 -4.40 27.12 15.80
CA VAL D 117 -3.35 27.78 16.53
C VAL D 117 -3.09 26.96 17.80
N TYR D 118 -1.82 26.90 18.19
CA TYR D 118 -1.39 26.15 19.35
C TYR D 118 -0.85 27.04 20.45
N ILE D 119 -1.10 26.61 21.69
CA ILE D 119 -0.73 27.32 22.90
C ILE D 119 -0.34 26.27 23.97
N ARG D 120 0.23 26.72 25.09
CA ARG D 120 0.59 25.81 26.20
C ARG D 120 -0.18 26.35 27.39
N ASP D 121 -0.65 25.45 28.27
CA ASP D 121 -1.37 25.87 29.46
C ASP D 121 -0.30 25.88 30.56
N PRO D 122 -0.60 26.45 31.74
CA PRO D 122 0.40 26.48 32.81
C PRO D 122 1.09 25.16 33.15
N ALA D 123 0.46 24.04 32.81
CA ALA D 123 1.04 22.73 33.11
C ALA D 123 1.89 22.24 31.94
N GLY D 124 1.77 22.91 30.80
CA GLY D 124 2.53 22.51 29.62
C GLY D 124 1.73 21.65 28.66
N ASN D 125 0.42 21.57 28.87
CA ASN D 125 -0.44 20.79 27.99
C ASN D 125 -0.57 21.54 26.68
N SER D 126 -0.50 20.80 25.58
CA SER D 126 -0.63 21.41 24.27
C SER D 126 -2.10 21.73 24.03
N VAL D 127 -2.44 23.01 24.12
CA VAL D 127 -3.82 23.46 23.91
C VAL D 127 -3.98 24.04 22.50
N GLU D 128 -4.98 23.55 21.77
CA GLU D 128 -5.21 23.98 20.41
C GLU D 128 -6.60 24.52 20.13
N VAL D 129 -6.73 25.30 19.07
CA VAL D 129 -8.01 25.84 18.63
C VAL D 129 -8.00 25.70 17.11
N GLY D 130 -8.89 24.89 16.57
CA GLY D 130 -8.94 24.70 15.14
C GLY D 130 -10.36 24.75 14.66
N GLU D 131 -10.54 25.14 13.40
CA GLU D 131 -11.89 25.23 12.85
C GLU D 131 -12.43 23.86 12.50
N GLY D 132 -13.75 23.77 12.35
CA GLY D 132 -14.37 22.51 12.03
C GLY D 132 -13.90 21.98 10.68
N LYS D 133 -13.44 22.89 9.85
CA LYS D 133 -12.95 22.57 8.52
C LYS D 133 -11.90 21.44 8.54
N LEU D 134 -11.06 21.45 9.58
CA LEU D 134 -10.00 20.45 9.76
C LEU D 134 -10.49 19.02 9.59
N TRP D 135 -11.66 18.73 10.12
CA TRP D 135 -12.19 17.37 10.03
C TRP D 135 -13.51 17.30 9.29
N GLY D 136 -13.88 18.39 8.62
CA GLY D 136 -15.11 18.41 7.85
C GLY D 136 -16.40 18.55 8.64
N PHE D 137 -16.46 19.51 9.55
CA PHE D 137 -17.66 19.75 10.35
C PHE D 137 -18.24 21.11 9.94
N PRO E 5 9.16 -20.01 -57.58
CA PRO E 5 9.93 -20.54 -56.42
C PRO E 5 10.06 -19.45 -55.37
N PRO E 6 9.57 -19.69 -54.15
CA PRO E 6 9.65 -18.70 -53.06
C PRO E 6 10.98 -17.96 -53.03
N SER E 7 10.95 -16.69 -52.65
CA SER E 7 12.15 -15.85 -52.58
C SER E 7 12.98 -16.03 -51.33
N ALA E 8 12.40 -16.70 -50.32
CA ALA E 8 13.10 -16.92 -49.06
C ALA E 8 12.38 -17.86 -48.14
N ILE E 9 13.09 -18.27 -47.09
CA ILE E 9 12.56 -19.13 -46.04
C ILE E 9 12.33 -18.16 -44.88
N MET E 10 11.07 -17.94 -44.53
CA MET E 10 10.73 -17.00 -43.48
C MET E 10 10.79 -17.60 -42.07
N GLU E 11 10.57 -18.91 -41.95
CA GLU E 11 10.56 -19.57 -40.65
C GLU E 11 11.34 -20.89 -40.58
N THR E 12 12.15 -21.01 -39.55
CA THR E 12 12.94 -22.21 -39.28
C THR E 12 12.47 -22.68 -37.91
N ALA E 13 12.10 -23.95 -37.79
CA ALA E 13 11.63 -24.44 -36.51
C ALA E 13 12.55 -25.47 -35.89
N LEU E 14 12.78 -25.33 -34.59
CA LEU E 14 13.60 -26.25 -33.81
C LEU E 14 12.78 -26.70 -32.61
N TYR E 15 13.16 -27.82 -32.04
CA TYR E 15 12.46 -28.36 -30.89
C TYR E 15 13.41 -28.44 -29.70
N ALA E 16 12.82 -28.45 -28.51
CA ALA E 16 13.57 -28.53 -27.25
C ALA E 16 12.59 -28.54 -26.08
N ASP E 17 12.75 -29.49 -25.17
CA ASP E 17 11.87 -29.58 -24.00
C ASP E 17 12.10 -28.43 -23.05
N ASP E 18 13.37 -28.17 -22.75
CA ASP E 18 13.71 -27.09 -21.85
C ASP E 18 13.68 -25.77 -22.61
N LEU E 19 12.47 -25.29 -22.93
CA LEU E 19 12.29 -24.05 -23.64
C LEU E 19 13.02 -22.87 -22.98
N ASP E 20 13.18 -22.94 -21.66
CA ASP E 20 13.86 -21.85 -20.97
C ASP E 20 15.36 -21.88 -21.20
N ALA E 21 15.95 -23.07 -21.20
CA ALA E 21 17.39 -23.22 -21.43
C ALA E 21 17.74 -22.80 -22.85
N ALA E 22 16.85 -23.12 -23.78
CA ALA E 22 17.03 -22.76 -25.19
C ALA E 22 16.84 -21.26 -25.31
N GLU E 23 15.91 -20.74 -24.52
CA GLU E 23 15.61 -19.33 -24.50
C GLU E 23 16.82 -18.55 -24.05
N ALA E 24 17.37 -18.97 -22.91
CA ALA E 24 18.53 -18.35 -22.33
C ALA E 24 19.66 -18.43 -23.35
N PHE E 25 19.77 -19.59 -23.99
CA PHE E 25 20.80 -19.83 -24.98
C PHE E 25 20.75 -18.87 -26.17
N TYR E 26 19.65 -18.90 -26.92
CA TYR E 26 19.53 -18.04 -28.09
C TYR E 26 19.43 -16.56 -27.76
N ARG E 27 18.84 -16.24 -26.63
CA ARG E 27 18.70 -14.85 -26.21
C ARG E 27 20.05 -14.32 -25.75
N ASP E 28 20.70 -15.04 -24.84
CA ASP E 28 21.99 -14.56 -24.33
C ASP E 28 23.24 -14.89 -25.16
N VAL E 29 23.26 -16.00 -25.89
CA VAL E 29 24.45 -16.34 -26.67
C VAL E 29 24.48 -15.71 -28.09
N PHE E 30 23.33 -15.32 -28.62
CA PHE E 30 23.25 -14.70 -29.96
C PHE E 30 22.50 -13.36 -29.99
N GLY E 31 22.06 -12.90 -28.83
CA GLY E 31 21.34 -11.64 -28.74
C GLY E 31 20.19 -11.43 -29.72
N LEU E 32 19.39 -12.48 -29.95
CA LEU E 32 18.26 -12.38 -30.86
C LEU E 32 17.04 -11.73 -30.21
N GLU E 33 16.26 -11.01 -31.00
CA GLU E 33 15.07 -10.33 -30.50
C GLU E 33 13.97 -11.36 -30.26
N MET E 34 13.44 -11.41 -29.04
CA MET E 34 12.34 -12.33 -28.76
C MET E 34 11.07 -11.61 -29.21
N VAL E 35 10.26 -12.29 -30.01
CA VAL E 35 9.04 -11.70 -30.55
C VAL E 35 7.77 -12.24 -29.90
N LEU E 36 7.75 -13.53 -29.57
CA LEU E 36 6.56 -14.11 -28.97
C LEU E 36 6.91 -15.28 -28.08
N LYS E 37 6.29 -15.32 -26.92
CA LYS E 37 6.56 -16.39 -25.97
C LYS E 37 5.29 -16.85 -25.27
N LEU E 38 5.02 -18.14 -25.38
CA LEU E 38 3.87 -18.73 -24.73
C LEU E 38 4.54 -19.71 -23.78
N PRO E 39 4.47 -19.47 -22.47
CA PRO E 39 5.12 -20.40 -21.54
C PRO E 39 4.81 -21.86 -21.78
N GLY E 40 5.84 -22.69 -21.61
CA GLY E 40 5.69 -24.12 -21.78
C GLY E 40 5.59 -24.62 -23.21
N GLN E 41 5.08 -23.77 -24.11
CA GLN E 41 4.90 -24.14 -25.51
C GLN E 41 5.90 -23.57 -26.51
N LEU E 42 6.07 -22.25 -26.54
CA LEU E 42 7.00 -21.71 -27.51
C LEU E 42 7.66 -20.36 -27.27
N VAL E 43 8.79 -20.19 -27.95
CA VAL E 43 9.59 -18.97 -27.92
C VAL E 43 10.02 -18.66 -29.36
N PHE E 44 9.56 -17.53 -29.89
CA PHE E 44 9.93 -17.15 -31.26
C PHE E 44 10.84 -15.93 -31.28
N PHE E 45 11.98 -16.08 -31.96
CA PHE E 45 12.95 -15.01 -32.08
C PHE E 45 12.96 -14.44 -33.50
N LYS E 46 13.62 -13.29 -33.65
CA LYS E 46 13.72 -12.68 -34.96
C LYS E 46 15.21 -12.55 -35.27
N CYS E 47 15.57 -12.91 -36.50
CA CYS E 47 16.95 -12.84 -36.99
C CYS E 47 16.78 -12.23 -38.38
N GLY E 48 17.23 -10.98 -38.53
CA GLY E 48 17.11 -10.29 -39.81
C GLY E 48 15.68 -10.31 -40.24
N ARG E 49 15.41 -10.88 -41.42
CA ARG E 49 14.06 -10.97 -41.98
C ARG E 49 13.53 -12.39 -41.82
N GLN E 50 13.95 -13.04 -40.74
CA GLN E 50 13.53 -14.40 -40.47
C GLN E 50 13.24 -14.63 -39.01
N MET E 51 12.40 -15.63 -38.76
CA MET E 51 12.04 -16.02 -37.41
C MET E 51 12.66 -17.36 -37.10
N LEU E 52 13.14 -17.49 -35.87
CA LEU E 52 13.70 -18.74 -35.39
C LEU E 52 12.67 -19.19 -34.36
N LEU E 53 11.97 -20.28 -34.70
CA LEU E 53 10.93 -20.81 -33.84
C LEU E 53 11.39 -21.98 -33.00
N LEU E 54 11.23 -21.84 -31.69
CA LEU E 54 11.59 -22.88 -30.73
C LEU E 54 10.31 -23.51 -30.19
N PHE E 55 10.13 -24.80 -30.46
CA PHE E 55 8.95 -25.52 -30.00
C PHE E 55 9.29 -26.60 -29.02
N ASP E 56 8.29 -26.98 -28.24
CA ASP E 56 8.41 -28.08 -27.30
C ASP E 56 7.66 -29.16 -28.09
N PRO E 57 8.38 -30.16 -28.61
CA PRO E 57 7.74 -31.23 -29.39
C PRO E 57 6.52 -31.92 -28.75
N GLN E 58 6.64 -32.25 -27.46
CA GLN E 58 5.57 -32.92 -26.73
C GLN E 58 4.33 -32.05 -26.76
N GLU E 59 4.54 -30.74 -26.92
CA GLU E 59 3.44 -29.77 -26.97
C GLU E 59 2.97 -29.41 -28.37
N SER E 60 3.88 -29.47 -29.34
CA SER E 60 3.52 -29.10 -30.72
C SER E 60 2.87 -30.22 -31.52
N SER E 61 3.34 -31.44 -31.29
CA SER E 61 2.83 -32.64 -31.97
C SER E 61 1.63 -33.19 -31.23
N ARG E 62 1.28 -32.60 -30.09
CA ARG E 62 0.16 -33.13 -29.32
C ARG E 62 -1.19 -32.65 -29.85
N ALA E 63 -2.22 -33.46 -29.66
CA ALA E 63 -3.56 -33.16 -30.14
C ALA E 63 -3.85 -31.67 -30.20
N ASP E 64 -4.00 -31.18 -31.43
CA ASP E 64 -4.35 -29.79 -31.79
C ASP E 64 -4.98 -28.80 -30.78
N ALA E 65 -5.55 -29.36 -29.70
CA ALA E 65 -6.25 -28.57 -28.67
C ALA E 65 -7.40 -27.70 -29.25
N ASN E 66 -8.28 -28.27 -30.08
CA ASN E 66 -9.40 -27.51 -30.69
C ASN E 66 -8.95 -26.31 -31.53
N PRO E 68 -5.80 -25.67 -33.96
CA PRO E 68 -6.12 -26.08 -35.33
C PRO E 68 -4.83 -26.31 -36.12
N ILE E 69 -3.90 -25.37 -35.99
CA ILE E 69 -2.61 -25.42 -36.68
C ILE E 69 -2.02 -26.85 -36.74
N PRO E 70 -1.50 -27.25 -37.90
CA PRO E 70 -0.93 -28.60 -38.04
C PRO E 70 0.09 -28.88 -36.95
N ARG E 71 0.13 -30.15 -36.55
CA ARG E 71 1.04 -30.60 -35.51
C ARG E 71 2.34 -31.01 -36.17
N HIS E 72 3.40 -30.93 -35.39
CA HIS E 72 4.74 -31.32 -35.77
C HIS E 72 5.55 -31.39 -34.48
N GLY E 73 6.83 -31.72 -34.57
CA GLY E 73 7.62 -31.81 -33.36
C GLY E 73 8.51 -33.02 -33.52
N ALA E 74 9.80 -32.79 -33.73
CA ALA E 74 10.70 -33.90 -33.93
C ALA E 74 11.57 -34.16 -32.73
N VAL E 75 11.73 -35.44 -32.42
CA VAL E 75 12.57 -35.83 -31.31
C VAL E 75 13.92 -35.97 -31.98
N GLY E 76 14.99 -35.63 -31.27
CA GLY E 76 16.31 -35.71 -31.85
C GLY E 76 16.96 -34.36 -32.05
N GLN E 77 18.25 -34.38 -32.40
CA GLN E 77 19.02 -33.17 -32.62
C GLN E 77 18.82 -32.64 -34.03
N GLY E 78 18.21 -31.46 -34.13
CA GLY E 78 17.98 -30.83 -35.42
C GLY E 78 19.23 -30.03 -35.74
N HIS E 79 19.15 -29.14 -36.72
CA HIS E 79 20.32 -28.36 -37.10
C HIS E 79 19.96 -27.21 -38.02
N PHE E 80 20.65 -26.09 -37.88
CA PHE E 80 20.44 -24.93 -38.72
C PHE E 80 21.72 -24.12 -38.65
N CYS E 81 21.88 -23.18 -39.57
CA CYS E 81 23.10 -22.42 -39.60
C CYS E 81 22.90 -20.92 -39.74
N PHE E 82 23.58 -20.17 -38.87
CA PHE E 82 23.52 -18.73 -38.91
C PHE E 82 24.41 -18.23 -40.02
N TYR E 83 24.14 -17.00 -40.45
CA TYR E 83 24.92 -16.39 -41.51
C TYR E 83 26.00 -15.47 -40.90
N ALA E 84 26.98 -15.10 -41.73
CA ALA E 84 28.07 -14.21 -41.35
C ALA E 84 28.46 -13.55 -42.67
N ASP E 85 29.10 -12.39 -42.60
CA ASP E 85 29.52 -11.71 -43.84
C ASP E 85 30.83 -12.32 -44.32
N ASP E 86 31.70 -12.68 -43.37
CA ASP E 86 32.99 -13.25 -43.71
C ASP E 86 33.53 -14.22 -42.66
N LYS E 87 34.80 -14.60 -42.85
CA LYS E 87 35.47 -15.52 -41.94
C LYS E 87 35.72 -14.89 -40.58
N ALA E 88 36.07 -13.61 -40.56
CA ALA E 88 36.33 -12.92 -39.31
C ALA E 88 35.15 -13.13 -38.38
N GLU E 89 33.97 -12.75 -38.87
CA GLU E 89 32.71 -12.90 -38.14
C GLU E 89 32.66 -14.26 -37.50
N VAL E 90 32.92 -15.28 -38.31
CA VAL E 90 32.90 -16.66 -37.83
C VAL E 90 33.86 -16.76 -36.64
N ASP E 91 35.12 -16.38 -36.87
CA ASP E 91 36.15 -16.39 -35.84
C ASP E 91 35.62 -15.73 -34.56
N GLU E 92 34.85 -14.64 -34.72
CA GLU E 92 34.26 -13.97 -33.57
C GLU E 92 33.53 -14.97 -32.71
N TRP E 93 32.39 -15.45 -33.20
CA TRP E 93 31.57 -16.41 -32.45
C TRP E 93 32.31 -17.60 -31.91
N LYS E 94 33.37 -18.03 -32.61
CA LYS E 94 34.17 -19.15 -32.10
C LYS E 94 34.70 -18.66 -30.77
N THR E 95 35.27 -17.45 -30.80
CA THR E 95 35.83 -16.81 -29.59
C THR E 95 34.78 -16.83 -28.51
N ARG E 96 33.77 -15.98 -28.68
CA ARG E 96 32.67 -15.88 -27.73
C ARG E 96 32.23 -17.22 -27.15
N PHE E 97 32.13 -18.26 -27.97
CA PHE E 97 31.69 -19.55 -27.45
C PHE E 97 32.61 -19.98 -26.32
N GLU E 98 33.88 -20.18 -26.66
CA GLU E 98 34.88 -20.57 -25.67
C GLU E 98 34.96 -19.52 -24.56
N ALA E 99 34.62 -18.28 -24.89
CA ALA E 99 34.62 -17.20 -23.90
C ALA E 99 33.55 -17.47 -22.84
N LEU E 100 32.38 -17.88 -23.30
CA LEU E 100 31.27 -18.19 -22.41
C LEU E 100 31.35 -19.67 -22.02
N GLU E 101 32.52 -20.26 -22.22
CA GLU E 101 32.76 -21.66 -21.88
C GLU E 101 31.82 -22.61 -22.63
N ILE E 102 31.43 -22.21 -23.84
CA ILE E 102 30.59 -23.08 -24.66
C ILE E 102 31.64 -23.78 -25.52
N PRO E 103 31.75 -25.10 -25.36
CA PRO E 103 32.74 -25.86 -26.12
C PRO E 103 32.45 -25.98 -27.60
N VAL E 104 33.35 -25.42 -28.43
CA VAL E 104 33.21 -25.52 -29.87
C VAL E 104 33.31 -27.01 -30.14
N GLU E 105 32.20 -27.59 -30.59
CA GLU E 105 32.17 -29.01 -30.87
C GLU E 105 32.99 -29.34 -32.11
N HIS E 106 33.05 -28.41 -33.04
CA HIS E 106 33.77 -28.66 -34.27
C HIS E 106 33.98 -27.35 -35.01
N TYR E 107 35.07 -27.28 -35.76
CA TYR E 107 35.44 -26.13 -36.57
C TYR E 107 35.76 -26.80 -37.91
N HIS E 108 35.15 -26.34 -38.99
CA HIS E 108 35.40 -26.97 -40.28
C HIS E 108 35.81 -26.03 -41.39
N ARG E 109 36.71 -26.50 -42.24
CA ARG E 109 37.22 -25.76 -43.40
C ARG E 109 36.64 -26.46 -44.63
N TRP E 110 36.12 -25.69 -45.58
CA TRP E 110 35.54 -26.31 -46.78
C TRP E 110 36.46 -26.20 -47.98
N PRO E 111 36.40 -27.20 -48.89
CA PRO E 111 37.23 -27.23 -50.10
C PRO E 111 37.43 -25.92 -50.86
N ASN E 112 36.47 -24.99 -50.73
CA ASN E 112 36.58 -23.70 -51.42
C ASN E 112 37.11 -22.56 -50.53
N GLY E 113 37.48 -22.91 -49.30
CA GLY E 113 37.99 -21.90 -48.39
C GLY E 113 37.22 -21.76 -47.08
N SER E 114 35.91 -21.54 -47.21
CA SER E 114 34.94 -21.35 -46.11
C SER E 114 35.21 -22.03 -44.75
N TYR E 115 34.68 -21.42 -43.69
CA TYR E 115 34.82 -21.94 -42.34
C TYR E 115 33.48 -21.93 -41.58
N SER E 116 33.23 -23.01 -40.83
CA SER E 116 32.02 -23.15 -40.02
C SER E 116 32.44 -23.52 -38.60
N VAL E 117 31.58 -23.18 -37.63
CA VAL E 117 31.82 -23.50 -36.22
C VAL E 117 30.52 -24.13 -35.75
N TYR E 118 30.63 -25.31 -35.15
CA TYR E 118 29.45 -26.04 -34.66
C TYR E 118 29.51 -26.23 -33.14
N ILE E 119 28.35 -26.31 -32.51
CA ILE E 119 28.22 -26.53 -31.07
C ILE E 119 26.94 -27.32 -30.76
N ARG E 120 26.27 -26.99 -29.67
CA ARG E 120 25.04 -27.68 -29.30
C ARG E 120 24.27 -26.71 -28.42
N ASP E 121 22.95 -26.65 -28.58
CA ASP E 121 22.18 -25.79 -27.71
C ASP E 121 21.74 -26.72 -26.58
N PRO E 122 21.09 -26.22 -25.54
CA PRO E 122 20.69 -27.14 -24.47
C PRO E 122 19.97 -28.44 -24.85
N ALA E 123 19.34 -28.50 -26.02
CA ALA E 123 18.62 -29.71 -26.40
C ALA E 123 19.43 -30.65 -27.28
N GLY E 124 20.62 -30.21 -27.68
CA GLY E 124 21.43 -31.08 -28.53
C GLY E 124 21.42 -30.63 -29.98
N ASN E 125 20.46 -29.78 -30.33
CA ASN E 125 20.37 -29.25 -31.69
C ASN E 125 21.75 -28.77 -32.11
N SER E 126 22.17 -29.18 -33.30
CA SER E 126 23.46 -28.81 -33.84
C SER E 126 23.43 -27.39 -34.35
N VAL E 127 23.91 -26.45 -33.54
CA VAL E 127 23.93 -25.07 -33.99
C VAL E 127 25.24 -24.85 -34.72
N GLU E 128 25.17 -24.04 -35.77
CA GLU E 128 26.33 -23.76 -36.59
C GLU E 128 26.35 -22.29 -36.99
N VAL E 129 27.50 -21.84 -37.47
CA VAL E 129 27.66 -20.48 -37.97
C VAL E 129 28.69 -20.65 -39.07
N GLY E 130 28.39 -20.04 -40.22
CA GLY E 130 29.28 -20.11 -41.36
C GLY E 130 29.05 -18.93 -42.27
N GLU E 131 30.15 -18.43 -42.84
CA GLU E 131 30.10 -17.30 -43.76
C GLU E 131 29.40 -17.73 -45.02
N GLY E 132 28.66 -16.80 -45.63
CA GLY E 132 27.93 -17.07 -46.85
C GLY E 132 28.78 -17.59 -47.98
N LYS E 133 30.09 -17.57 -47.76
CA LYS E 133 31.02 -18.06 -48.77
C LYS E 133 30.65 -19.50 -49.13
N LEU E 134 30.20 -20.25 -48.12
CA LEU E 134 29.80 -21.65 -48.30
C LEU E 134 29.04 -22.05 -49.55
N TRP E 135 28.15 -21.18 -50.05
CA TRP E 135 27.35 -21.53 -51.24
C TRP E 135 27.40 -20.49 -52.36
N GLY E 136 28.40 -19.61 -52.30
CA GLY E 136 28.50 -18.56 -53.30
C GLY E 136 27.51 -17.48 -52.92
N PHE E 137 27.37 -17.25 -51.62
CA PHE E 137 26.45 -16.22 -51.12
C PHE E 137 27.20 -14.91 -50.81
N GLU E 138 26.54 -13.82 -51.24
CA GLU E 138 26.91 -12.40 -51.15
C GLU E 138 26.87 -11.76 -52.53
CO CO F . 5.81 5.41 -2.12
C1 IPA G . 21.97 -10.46 9.61
C2 IPA G . 22.40 -11.74 10.34
C3 IPA G . 23.92 -11.87 10.29
O2 IPA G . 21.99 -11.66 11.72
C1 IPA H . -13.25 -16.92 4.46
C2 IPA H . -12.37 -17.23 3.25
C3 IPA H . -12.06 -18.73 3.24
O2 IPA H . -13.05 -16.87 2.05
#